data_8CID
#
_entry.id   8CID
#
_cell.length_a   115.390
_cell.length_b   115.390
_cell.length_c   157.900
_cell.angle_alpha   90.000
_cell.angle_beta   90.000
_cell.angle_gamma   90.000
#
_symmetry.space_group_name_H-M   'P 43 21 2'
#
_entity_poly.entity_id   1
_entity_poly.type   'polypeptide(L)'
_entity_poly.pdbx_seq_one_letter_code
;MSLEIQDSEVDIVIAALQPNLTTFFEAWRPFFSRFHIIVVKDPDMAEELQIPTGFDLKVYTKSDMGVLGATSIDFSGHSC
RYFGYLVSRKKYVISIDDNCLPAKDNGGLTVDAVAQHMSNLKTPATPFFFNTLYDPFRKGADFVRGYPFSLREGVECMLS
CGLWLHNADYDPMTHVVKRNQRNTTYVDAVMTVPLGAMMPVSGINVAFNREVLGPVMFPALRLRKEGKHRWDTLEDVWNG
LCAKVVCDRLRYGVKTGLPYVMRSDAEAGKALESLKEWEGVKVMDVVLPFFESLKLSSTSVTVEDCVKELTSIVKEKLGP
QNAIFAKAADAMEEWTKLWKSHGAQSA
;
_entity_poly.pdbx_strand_id   A,B
#
# COMPACT_ATOMS: atom_id res chain seq x y z
N GLU A 4 7.56 21.94 -4.29
CA GLU A 4 6.57 23.06 -4.31
C GLU A 4 6.21 23.44 -5.76
N ILE A 5 4.92 23.69 -5.99
CA ILE A 5 4.38 23.81 -7.35
C ILE A 5 3.40 24.96 -7.38
N GLN A 6 3.37 25.67 -8.51
CA GLN A 6 2.32 26.62 -8.82
C GLN A 6 1.64 26.21 -10.13
N ASP A 7 0.44 26.77 -10.35
CA ASP A 7 -0.31 26.42 -11.55
C ASP A 7 0.51 26.69 -12.81
N SER A 8 1.30 27.76 -12.79
CA SER A 8 2.02 28.17 -14.00
C SER A 8 3.00 27.12 -14.50
N GLU A 9 3.26 26.06 -13.74
CA GLU A 9 4.20 25.03 -14.17
C GLU A 9 3.53 23.74 -14.65
N VAL A 10 2.21 23.73 -14.79
CA VAL A 10 1.47 22.50 -15.10
C VAL A 10 0.98 22.60 -16.55
N ASP A 11 1.16 21.51 -17.29
CA ASP A 11 0.68 21.37 -18.67
C ASP A 11 -0.28 20.18 -18.71
N ILE A 12 -1.56 20.45 -18.98
CA ILE A 12 -2.56 19.40 -19.12
C ILE A 12 -2.45 18.85 -20.54
N VAL A 13 -1.83 17.68 -20.68
CA VAL A 13 -1.60 17.01 -21.95
C VAL A 13 -2.65 15.92 -22.12
N ILE A 14 -3.44 16.02 -23.18
CA ILE A 14 -4.59 15.14 -23.38
C ILE A 14 -4.54 14.56 -24.78
N ALA A 15 -4.76 13.25 -24.87
CA ALA A 15 -4.98 12.56 -26.14
C ALA A 15 -6.45 12.62 -26.50
N ALA A 16 -6.74 12.98 -27.75
CA ALA A 16 -8.10 12.92 -28.29
C ALA A 16 -8.22 11.72 -29.21
N LEU A 17 -8.94 10.69 -28.76
CA LEU A 17 -9.36 9.60 -29.63
C LEU A 17 -10.85 9.69 -29.94
N GLN A 18 -11.63 10.39 -29.11
CA GLN A 18 -12.96 10.86 -29.44
C GLN A 18 -12.90 12.20 -30.17
N PRO A 19 -13.59 12.36 -31.29
CA PRO A 19 -13.49 13.66 -32.00
C PRO A 19 -14.24 14.77 -31.30
N ASN A 20 -15.43 14.51 -30.75
CA ASN A 20 -16.23 15.53 -30.11
C ASN A 20 -15.87 15.58 -28.63
N LEU A 21 -15.08 16.58 -28.24
CA LEU A 21 -14.68 16.75 -26.84
C LEU A 21 -15.41 17.91 -26.18
N THR A 22 -16.59 18.27 -26.69
CA THR A 22 -17.40 19.31 -26.07
C THR A 22 -17.92 18.84 -24.71
N THR A 23 -18.52 17.65 -24.66
CA THR A 23 -19.04 17.13 -23.41
C THR A 23 -17.93 17.01 -22.37
N PHE A 24 -16.75 16.57 -22.81
CA PHE A 24 -15.62 16.36 -21.91
C PHE A 24 -15.11 17.67 -21.32
N PHE A 25 -14.76 18.63 -22.17
CA PHE A 25 -14.08 19.82 -21.69
C PHE A 25 -15.01 20.73 -20.89
N GLU A 26 -16.29 20.80 -21.28
CA GLU A 26 -17.22 21.62 -20.51
C GLU A 26 -17.37 21.07 -19.09
N ALA A 27 -17.18 19.76 -18.90
CA ALA A 27 -17.27 19.18 -17.57
C ALA A 27 -15.98 19.43 -16.77
N TRP A 28 -14.83 19.31 -17.43
CA TRP A 28 -13.54 19.57 -16.80
C TRP A 28 -13.18 21.04 -16.73
N ARG A 29 -13.99 21.92 -17.33
CA ARG A 29 -13.61 23.32 -17.50
C ARG A 29 -13.21 23.96 -16.17
N PRO A 30 -14.05 23.93 -15.14
CA PRO A 30 -13.67 24.61 -13.88
C PRO A 30 -12.25 24.29 -13.42
N PHE A 31 -11.74 23.12 -13.78
CA PHE A 31 -10.44 22.64 -13.32
C PHE A 31 -9.33 22.80 -14.34
N PHE A 32 -9.63 22.65 -15.64
CA PHE A 32 -8.59 22.82 -16.64
C PHE A 32 -8.33 24.29 -16.95
N SER A 33 -9.38 25.11 -16.96
CA SER A 33 -9.33 26.45 -17.53
C SER A 33 -8.06 27.21 -17.12
N ARG A 34 -7.75 27.21 -15.84
CA ARG A 34 -6.60 27.97 -15.33
C ARG A 34 -5.26 27.41 -15.76
N PHE A 35 -5.22 26.38 -16.62
CA PHE A 35 -3.98 25.73 -17.02
C PHE A 35 -3.86 25.72 -18.54
N HIS A 36 -2.64 25.46 -19.02
CA HIS A 36 -2.38 25.27 -20.45
C HIS A 36 -2.73 23.84 -20.85
N ILE A 37 -3.51 23.70 -21.92
CA ILE A 37 -4.02 22.40 -22.35
C ILE A 37 -3.40 22.06 -23.71
N ILE A 38 -2.66 20.96 -23.77
CA ILE A 38 -2.04 20.48 -25.00
C ILE A 38 -2.80 19.27 -25.53
N VAL A 39 -3.88 19.51 -26.28
CA VAL A 39 -4.58 18.43 -26.97
C VAL A 39 -3.74 17.89 -28.12
N VAL A 40 -3.86 16.59 -28.36
CA VAL A 40 -3.24 15.91 -29.49
C VAL A 40 -4.30 15.09 -30.21
N LYS A 41 -4.43 15.33 -31.52
CA LYS A 41 -5.31 14.53 -32.36
C LYS A 41 -4.64 13.22 -32.74
N ASP A 42 -5.33 12.12 -32.51
CA ASP A 42 -4.87 10.81 -32.96
C ASP A 42 -4.58 10.83 -34.46
N PRO A 43 -3.38 10.47 -34.89
CA PRO A 43 -3.12 10.34 -36.34
C PRO A 43 -4.14 9.51 -37.09
N ASP A 44 -4.63 8.40 -36.51
CA ASP A 44 -5.61 7.58 -37.22
C ASP A 44 -6.98 8.25 -37.31
N MET A 45 -7.15 9.41 -36.69
CA MET A 45 -8.44 10.10 -36.63
C MET A 45 -8.60 10.97 -37.87
N ALA A 46 -9.65 10.72 -38.65
CA ALA A 46 -9.90 11.54 -39.84
C ALA A 46 -10.68 12.81 -39.51
N GLU A 47 -11.72 12.69 -38.68
CA GLU A 47 -12.65 13.79 -38.43
C GLU A 47 -11.96 14.92 -37.65
N GLU A 48 -12.73 15.94 -37.30
CA GLU A 48 -12.17 17.16 -36.70
C GLU A 48 -12.60 17.31 -35.25
N LEU A 49 -11.73 17.95 -34.48
CA LEU A 49 -11.88 18.07 -33.02
C LEU A 49 -12.81 19.21 -32.67
N GLN A 50 -14.00 18.89 -32.19
CA GLN A 50 -14.94 19.88 -31.67
C GLN A 50 -14.65 20.15 -30.19
N ILE A 51 -13.78 21.12 -29.96
CA ILE A 51 -13.35 21.53 -28.63
C ILE A 51 -13.95 22.92 -28.36
N PRO A 52 -14.59 23.14 -27.22
CA PRO A 52 -15.08 24.48 -26.90
C PRO A 52 -13.95 25.48 -26.69
N THR A 53 -14.33 26.76 -26.73
CA THR A 53 -13.34 27.82 -26.62
C THR A 53 -13.20 28.23 -25.16
N GLY A 54 -12.38 29.23 -24.91
CA GLY A 54 -12.07 29.64 -23.55
C GLY A 54 -10.89 28.96 -22.91
N PHE A 55 -10.09 28.20 -23.66
CA PHE A 55 -8.93 27.54 -23.10
C PHE A 55 -7.64 28.02 -23.73
N ASP A 56 -6.53 27.68 -23.05
CA ASP A 56 -5.18 27.95 -23.53
C ASP A 56 -4.68 26.71 -24.26
N LEU A 57 -5.21 26.50 -25.47
CA LEU A 57 -4.99 25.27 -26.22
C LEU A 57 -4.02 25.41 -27.37
N LYS A 58 -3.10 24.45 -27.46
CA LYS A 58 -2.20 24.31 -28.59
C LYS A 58 -2.37 22.92 -29.21
N VAL A 59 -3.47 22.70 -29.94
CA VAL A 59 -3.69 21.38 -30.49
C VAL A 59 -2.51 20.98 -31.38
N TYR A 60 -2.23 19.69 -31.45
CA TYR A 60 -1.22 19.13 -32.33
C TYR A 60 -1.89 18.07 -33.18
N THR A 61 -1.27 17.73 -34.31
CA THR A 61 -1.95 16.90 -35.29
C THR A 61 -0.95 16.08 -36.11
N LYS A 62 -1.50 15.13 -36.86
CA LYS A 62 -0.73 14.19 -37.67
C LYS A 62 0.37 14.95 -38.41
N SER A 63 0.02 16.13 -38.93
CA SER A 63 1.01 16.97 -39.60
C SER A 63 2.19 17.25 -38.67
N ASP A 64 1.91 17.75 -37.47
CA ASP A 64 2.99 18.09 -36.54
C ASP A 64 3.77 16.86 -36.13
N MET A 65 3.13 15.69 -36.09
CA MET A 65 3.83 14.52 -35.60
C MET A 65 4.86 14.01 -36.59
N GLY A 66 4.59 14.18 -37.89
CA GLY A 66 5.48 13.65 -38.91
C GLY A 66 6.76 14.44 -39.09
N VAL A 67 6.78 15.73 -38.71
CA VAL A 67 8.02 16.50 -38.80
C VAL A 67 9.06 15.97 -37.83
N LEU A 68 8.63 15.25 -36.78
CA LEU A 68 9.56 14.48 -35.97
C LEU A 68 10.25 13.40 -36.79
N GLY A 69 9.61 12.94 -37.86
CA GLY A 69 10.20 11.89 -38.68
C GLY A 69 10.47 10.60 -37.94
N ALA A 70 9.65 10.29 -36.93
CA ALA A 70 9.89 9.18 -36.03
C ALA A 70 10.03 7.86 -36.80
N THR A 71 11.24 7.29 -36.78
CA THR A 71 11.53 6.16 -37.66
C THR A 71 10.95 4.86 -37.14
N SER A 72 10.97 4.65 -35.81
CA SER A 72 10.48 3.41 -35.22
C SER A 72 9.45 3.63 -34.14
N ILE A 73 8.80 4.79 -34.09
CA ILE A 73 7.77 5.06 -33.10
C ILE A 73 6.45 5.22 -33.85
N ASP A 74 5.41 4.57 -33.33
CA ASP A 74 4.05 4.68 -33.85
C ASP A 74 3.26 5.53 -32.85
N PHE A 75 2.71 6.64 -33.33
CA PHE A 75 2.04 7.62 -32.48
C PHE A 75 0.52 7.52 -32.57
N SER A 76 -0.01 6.43 -33.11
CA SER A 76 -1.45 6.28 -33.25
C SER A 76 -2.10 5.83 -31.95
N GLY A 77 -3.37 6.17 -31.80
CA GLY A 77 -4.13 5.76 -30.62
C GLY A 77 -3.63 6.47 -29.37
N HIS A 78 -3.63 5.74 -28.26
CA HIS A 78 -3.20 6.32 -26.99
C HIS A 78 -1.77 6.84 -27.07
N SER A 79 -0.94 6.25 -27.93
CA SER A 79 0.46 6.64 -27.99
C SER A 79 0.64 8.10 -28.39
N CYS A 80 -0.35 8.70 -29.06
CA CYS A 80 -0.20 10.10 -29.46
C CYS A 80 0.00 11.00 -28.26
N ARG A 81 -0.49 10.59 -27.09
CA ARG A 81 -0.33 11.41 -25.89
C ARG A 81 1.12 11.60 -25.51
N TYR A 82 2.02 10.72 -25.97
CA TYR A 82 3.43 10.87 -25.67
C TYR A 82 4.06 12.01 -26.46
N PHE A 83 3.46 12.41 -27.59
CA PHE A 83 3.94 13.59 -28.30
C PHE A 83 3.80 14.84 -27.44
N GLY A 84 2.65 14.96 -26.75
CA GLY A 84 2.46 16.10 -25.87
C GLY A 84 3.50 16.21 -24.79
N TYR A 85 3.98 15.07 -24.29
CA TYR A 85 5.03 15.11 -23.27
C TYR A 85 6.35 15.63 -23.87
N LEU A 86 6.55 15.41 -25.17
CA LEU A 86 7.78 15.83 -25.84
C LEU A 86 7.73 17.31 -26.19
N VAL A 87 6.59 17.80 -26.66
CA VAL A 87 6.51 19.20 -27.07
C VAL A 87 5.97 20.10 -25.97
N SER A 88 5.62 19.56 -24.81
CA SER A 88 5.39 20.42 -23.67
C SER A 88 6.74 20.91 -23.17
N ARG A 89 6.76 22.14 -22.64
CA ARG A 89 7.97 22.70 -22.06
C ARG A 89 7.71 23.17 -20.64
N LYS A 90 6.88 22.42 -19.91
CA LYS A 90 6.59 22.66 -18.49
C LYS A 90 7.11 21.51 -17.63
N LYS A 91 7.13 21.77 -16.32
CA LYS A 91 7.71 20.82 -15.37
C LYS A 91 6.80 19.61 -15.14
N TYR A 92 5.53 19.85 -14.87
CA TYR A 92 4.62 18.77 -14.51
C TYR A 92 3.54 18.64 -15.58
N VAL A 93 3.24 17.39 -15.94
CA VAL A 93 2.26 17.06 -16.97
C VAL A 93 1.15 16.28 -16.28
N ILE A 94 -0.06 16.81 -16.33
CA ILE A 94 -1.25 16.14 -15.81
C ILE A 94 -2.04 15.66 -17.01
N SER A 95 -2.36 14.37 -17.03
CA SER A 95 -2.82 13.70 -18.23
C SER A 95 -4.02 12.84 -17.87
N ILE A 96 -5.13 13.05 -18.58
CA ILE A 96 -6.39 12.35 -18.37
C ILE A 96 -6.89 11.94 -19.74
N ASP A 97 -7.67 10.87 -19.78
CA ASP A 97 -8.21 10.40 -21.05
C ASP A 97 -9.59 10.98 -21.31
N ASP A 98 -9.90 11.15 -22.60
CA ASP A 98 -11.13 11.80 -23.03
C ASP A 98 -12.38 11.09 -22.54
N ASN A 99 -12.28 9.83 -22.14
CA ASN A 99 -13.44 9.07 -21.67
C ASN A 99 -13.70 9.25 -20.18
N CYS A 100 -12.95 10.13 -19.51
CA CYS A 100 -13.14 10.39 -18.08
C CYS A 100 -13.82 11.73 -17.82
N LEU A 101 -14.64 11.78 -16.78
CA LEU A 101 -15.32 12.97 -16.27
C LEU A 101 -14.96 13.11 -14.80
N PRO A 102 -15.05 14.30 -14.22
CA PRO A 102 -14.67 14.45 -12.80
C PRO A 102 -15.58 13.65 -11.86
N ALA A 103 -14.97 13.01 -10.87
CA ALA A 103 -15.69 12.11 -9.99
C ALA A 103 -16.37 12.86 -8.85
N LYS A 104 -17.31 12.19 -8.20
CA LYS A 104 -17.93 12.68 -6.97
C LYS A 104 -17.48 11.83 -5.78
N ASP A 105 -17.03 12.49 -4.73
CA ASP A 105 -16.63 11.83 -3.49
C ASP A 105 -17.86 11.44 -2.68
N ASN A 106 -17.59 10.89 -1.48
CA ASN A 106 -18.67 10.48 -0.59
C ASN A 106 -19.52 11.66 -0.12
N GLY A 107 -18.93 12.83 0.01
CA GLY A 107 -19.70 14.01 0.31
C GLY A 107 -20.47 14.59 -0.85
N GLY A 108 -20.46 13.90 -2.00
CA GLY A 108 -21.06 14.39 -3.21
C GLY A 108 -20.29 15.48 -3.93
N LEU A 109 -19.15 15.88 -3.40
CA LEU A 109 -18.32 16.91 -4.02
C LEU A 109 -17.67 16.38 -5.28
N THR A 110 -17.44 17.29 -6.24
CA THR A 110 -16.73 16.96 -7.47
C THR A 110 -15.23 17.13 -7.23
N VAL A 111 -14.46 16.10 -7.53
CA VAL A 111 -13.04 16.05 -7.15
C VAL A 111 -12.22 16.82 -8.18
N ASP A 112 -11.66 17.96 -7.77
CA ASP A 112 -10.69 18.68 -8.60
C ASP A 112 -9.44 17.82 -8.66
N ALA A 113 -9.45 16.85 -9.58
CA ALA A 113 -8.32 15.93 -9.73
C ALA A 113 -7.04 16.67 -10.11
N VAL A 114 -7.16 17.82 -10.78
CA VAL A 114 -5.96 18.56 -11.16
C VAL A 114 -5.28 19.14 -9.92
N ALA A 115 -6.08 19.65 -8.98
CA ALA A 115 -5.52 20.15 -7.73
C ALA A 115 -5.02 19.01 -6.84
N GLN A 116 -5.65 17.82 -6.93
CA GLN A 116 -5.18 16.71 -6.12
C GLN A 116 -3.86 16.15 -6.62
N HIS A 117 -3.71 16.02 -7.95
CA HIS A 117 -2.44 15.54 -8.49
C HIS A 117 -1.31 16.48 -8.05
N MET A 118 -1.53 17.79 -8.18
CA MET A 118 -0.56 18.76 -7.72
C MET A 118 -0.30 18.59 -6.23
N SER A 119 -1.33 18.35 -5.44
CA SER A 119 -1.13 18.11 -4.01
C SER A 119 -0.29 16.85 -3.79
N ASN A 120 -0.59 15.78 -4.53
CA ASN A 120 0.18 14.56 -4.41
C ASN A 120 1.66 14.81 -4.68
N LEU A 121 1.96 15.72 -5.62
CA LEU A 121 3.34 15.99 -6.02
C LEU A 121 4.01 16.96 -5.04
N LYS A 122 3.33 18.04 -4.64
CA LYS A 122 3.93 18.96 -3.68
C LYS A 122 4.32 18.24 -2.39
N THR A 123 3.61 17.13 -2.06
CA THR A 123 3.74 16.37 -0.81
C THR A 123 4.83 15.31 -0.91
N PRO A 124 5.77 15.26 0.04
CA PRO A 124 6.77 14.18 0.03
C PRO A 124 6.14 12.79 0.03
N ALA A 125 6.95 11.77 -0.27
CA ALA A 125 6.49 10.39 -0.31
C ALA A 125 7.27 9.56 0.71
N THR A 126 6.66 8.46 1.15
CA THR A 126 7.20 7.61 2.22
C THR A 126 7.41 6.18 1.75
N PRO A 127 8.29 5.97 0.77
CA PRO A 127 8.43 4.62 0.19
C PRO A 127 9.19 3.62 1.04
N PHE A 128 10.01 4.08 2.00
CA PHE A 128 10.88 3.15 2.73
C PHE A 128 10.18 2.46 3.89
N PHE A 129 9.05 2.99 4.36
CA PHE A 129 8.35 2.46 5.53
C PHE A 129 6.86 2.77 5.37
N PHE A 130 6.03 1.76 5.58
CA PHE A 130 4.60 1.80 5.28
C PHE A 130 3.85 2.48 6.42
N ASN A 131 3.45 3.74 6.24
CA ASN A 131 2.58 4.41 7.19
C ASN A 131 1.16 3.88 6.99
N THR A 132 0.64 3.18 8.00
CA THR A 132 -0.64 2.48 7.88
C THR A 132 -1.85 3.41 7.87
N LEU A 133 -1.68 4.68 8.21
CA LEU A 133 -2.73 5.68 7.98
C LEU A 133 -2.63 6.28 6.57
N TYR A 134 -1.68 5.81 5.76
CA TYR A 134 -1.48 6.32 4.41
C TYR A 134 -0.99 7.76 4.49
N ASP A 135 -0.92 8.46 3.34
CA ASP A 135 -0.15 9.69 3.21
C ASP A 135 -0.14 10.48 4.51
N PRO A 136 0.97 10.46 5.26
CA PRO A 136 0.97 11.10 6.58
C PRO A 136 0.87 12.61 6.55
N PHE A 137 0.88 13.26 5.39
CA PHE A 137 0.78 14.71 5.31
C PHE A 137 -0.65 15.17 5.02
N ARG A 138 -1.50 14.29 4.49
CA ARG A 138 -2.94 14.53 4.41
C ARG A 138 -3.49 14.82 5.80
N LYS A 139 -4.51 15.68 5.85
CA LYS A 139 -5.11 16.06 7.12
C LYS A 139 -5.85 14.89 7.75
N GLY A 140 -5.77 14.79 9.07
CA GLY A 140 -6.29 13.65 9.78
C GLY A 140 -5.40 12.45 9.82
N ALA A 141 -4.52 12.32 8.85
CA ALA A 141 -3.47 11.32 8.86
C ALA A 141 -2.22 11.93 9.48
N ASP A 142 -1.34 11.05 9.92
CA ASP A 142 -0.10 11.43 10.57
C ASP A 142 0.78 10.19 10.64
N PHE A 143 1.97 10.35 11.21
CA PHE A 143 2.91 9.25 11.31
C PHE A 143 2.53 8.33 12.47
N VAL A 144 2.36 7.05 12.16
CA VAL A 144 1.93 6.06 13.14
C VAL A 144 3.09 5.72 14.08
N ARG A 145 2.75 5.43 15.33
CA ARG A 145 3.74 5.04 16.32
C ARG A 145 4.68 3.97 15.77
N GLY A 146 5.98 4.23 15.88
CA GLY A 146 6.99 3.32 15.39
C GLY A 146 7.55 3.67 14.03
N TYR A 147 6.93 4.61 13.32
CA TYR A 147 7.49 5.08 12.07
C TYR A 147 8.77 5.85 12.35
N PRO A 148 9.94 5.36 11.92
CA PRO A 148 11.20 6.00 12.33
C PRO A 148 11.29 7.44 11.85
N PHE A 149 11.98 8.26 12.62
CA PHE A 149 11.93 9.71 12.45
C PHE A 149 12.81 10.23 11.33
N SER A 150 13.95 9.58 11.06
CA SER A 150 14.75 9.99 9.91
C SER A 150 13.96 9.86 8.61
N LEU A 151 12.93 9.02 8.57
CA LEU A 151 12.16 8.79 7.36
C LEU A 151 10.94 9.69 7.25
N ARG A 152 10.70 10.57 8.23
CA ARG A 152 9.61 11.53 8.14
C ARG A 152 9.89 12.56 7.05
N GLU A 153 11.15 12.73 6.66
CA GLU A 153 11.54 13.65 5.58
C GLU A 153 11.48 12.83 4.30
N GLY A 154 10.31 12.85 3.65
CA GLY A 154 10.10 11.98 2.52
C GLY A 154 10.87 12.43 1.29
N VAL A 155 11.13 11.46 0.41
CA VAL A 155 11.75 11.74 -0.88
C VAL A 155 10.71 12.36 -1.81
N GLU A 156 11.22 13.00 -2.86
CA GLU A 156 10.35 13.70 -3.81
C GLU A 156 9.41 12.73 -4.52
N CYS A 157 8.13 13.12 -4.58
CA CYS A 157 7.13 12.34 -5.32
C CYS A 157 7.19 12.78 -6.78
N MET A 158 7.61 11.86 -7.66
CA MET A 158 7.71 12.14 -9.08
C MET A 158 6.53 11.64 -9.89
N LEU A 159 5.67 10.80 -9.30
CA LEU A 159 4.57 10.20 -10.03
C LEU A 159 3.34 10.07 -9.15
N SER A 160 2.19 10.47 -9.72
CA SER A 160 0.90 10.38 -9.05
C SER A 160 -0.08 9.67 -9.99
N CYS A 161 -0.51 8.47 -9.60
CA CYS A 161 -1.46 7.69 -10.38
C CYS A 161 -2.80 7.70 -9.65
N GLY A 162 -3.83 8.22 -10.32
CA GLY A 162 -5.15 8.26 -9.72
C GLY A 162 -5.96 7.03 -10.09
N LEU A 163 -7.15 6.95 -9.50
CA LEU A 163 -8.02 5.80 -9.67
C LEU A 163 -9.32 6.26 -10.37
N TRP A 164 -10.26 5.34 -10.55
CA TRP A 164 -11.39 5.56 -11.45
C TRP A 164 -12.63 4.87 -10.92
N LEU A 165 -13.73 5.62 -10.88
CA LEU A 165 -15.03 5.08 -10.54
C LEU A 165 -15.72 4.61 -11.83
N HIS A 166 -16.81 3.85 -11.67
CA HIS A 166 -17.61 3.35 -12.79
C HIS A 166 -16.79 2.36 -13.61
N ASN A 167 -16.49 2.67 -14.87
CA ASN A 167 -15.78 1.73 -15.75
C ASN A 167 -14.31 1.70 -15.36
N ALA A 168 -13.99 0.93 -14.31
CA ALA A 168 -12.63 0.83 -13.83
C ALA A 168 -11.74 0.16 -14.87
N ASP A 169 -10.42 0.28 -14.67
CA ASP A 169 -9.44 -0.20 -15.63
C ASP A 169 -9.27 -1.71 -15.52
N TYR A 170 -10.35 -2.47 -15.64
CA TYR A 170 -10.26 -3.91 -15.75
C TYR A 170 -9.78 -4.28 -17.15
N ASP A 171 -9.03 -5.39 -17.24
CA ASP A 171 -8.62 -5.90 -18.54
C ASP A 171 -9.83 -6.41 -19.31
N PRO A 172 -9.73 -6.47 -20.64
CA PRO A 172 -10.93 -6.84 -21.43
C PRO A 172 -11.48 -8.21 -21.08
N MET A 173 -10.63 -9.16 -20.68
CA MET A 173 -11.10 -10.47 -20.26
C MET A 173 -11.95 -10.36 -19.00
N THR A 174 -11.41 -9.72 -17.96
CA THR A 174 -12.18 -9.52 -16.74
C THR A 174 -13.46 -8.72 -17.01
N HIS A 175 -13.43 -7.82 -17.99
CA HIS A 175 -14.61 -7.00 -18.29
C HIS A 175 -15.72 -7.83 -18.89
N VAL A 176 -15.41 -8.64 -19.92
CA VAL A 176 -16.43 -9.45 -20.56
C VAL A 176 -17.04 -10.43 -19.57
N VAL A 177 -16.19 -11.11 -18.79
CA VAL A 177 -16.64 -12.25 -18.00
C VAL A 177 -17.41 -11.81 -16.76
N LYS A 178 -16.87 -10.85 -16.00
CA LYS A 178 -17.57 -10.44 -14.78
C LYS A 178 -18.86 -9.67 -15.05
N ARG A 179 -19.10 -9.27 -16.31
CA ARG A 179 -20.33 -8.61 -16.72
C ARG A 179 -20.37 -7.20 -16.14
N ASN A 180 -21.52 -6.75 -15.64
CA ASN A 180 -21.66 -5.34 -15.31
C ASN A 180 -21.13 -5.03 -13.92
N GLN A 181 -19.87 -5.40 -13.69
CA GLN A 181 -19.15 -4.93 -12.51
C GLN A 181 -18.64 -3.53 -12.79
N ARG A 182 -19.01 -2.59 -11.91
CA ARG A 182 -18.56 -1.21 -11.95
C ARG A 182 -17.98 -0.86 -10.59
N ASN A 183 -16.93 -0.04 -10.57
CA ASN A 183 -16.32 0.36 -9.31
C ASN A 183 -17.19 1.42 -8.64
N THR A 184 -17.57 1.17 -7.39
CA THR A 184 -18.36 2.11 -6.61
C THR A 184 -17.69 2.43 -5.27
N THR A 185 -16.48 1.92 -5.03
CA THR A 185 -15.80 2.07 -3.75
C THR A 185 -14.85 3.27 -3.80
N TYR A 186 -15.31 4.40 -3.26
CA TYR A 186 -14.45 5.58 -3.16
C TYR A 186 -13.54 5.40 -1.94
N VAL A 187 -12.28 5.07 -2.20
CA VAL A 187 -11.29 4.88 -1.13
C VAL A 187 -10.64 6.24 -0.89
N ASP A 188 -11.09 6.94 0.14
CA ASP A 188 -10.54 8.25 0.47
C ASP A 188 -9.18 8.14 1.15
N ALA A 189 -8.15 7.81 0.38
CA ALA A 189 -6.80 7.76 0.91
C ALA A 189 -5.83 7.71 -0.27
N VAL A 190 -4.69 8.38 -0.12
CA VAL A 190 -3.57 8.30 -1.05
C VAL A 190 -2.37 7.76 -0.32
N MET A 191 -1.59 6.91 -1.00
CA MET A 191 -0.49 6.21 -0.36
C MET A 191 0.68 6.07 -1.33
N THR A 192 1.89 6.08 -0.76
CA THR A 192 3.12 5.82 -1.50
C THR A 192 3.31 4.32 -1.69
N VAL A 193 3.57 3.91 -2.92
CA VAL A 193 3.88 2.51 -3.24
C VAL A 193 5.27 2.17 -2.71
N PRO A 194 5.39 1.21 -1.79
CA PRO A 194 6.71 0.94 -1.18
C PRO A 194 7.81 0.67 -2.19
N LEU A 195 9.06 0.81 -1.74
CA LEU A 195 10.20 0.53 -2.59
C LEU A 195 10.13 -0.90 -3.14
N GLY A 196 10.51 -1.03 -4.41
CA GLY A 196 10.61 -2.32 -5.05
C GLY A 196 9.32 -2.98 -5.47
N ALA A 197 8.19 -2.52 -4.92
CA ALA A 197 6.91 -3.13 -5.23
C ALA A 197 6.48 -2.72 -6.64
N MET A 198 6.21 -3.70 -7.49
CA MET A 198 5.72 -3.45 -8.84
C MET A 198 4.24 -3.08 -8.80
N MET A 199 3.81 -2.30 -9.79
CA MET A 199 2.42 -1.85 -9.81
C MET A 199 1.97 -1.64 -11.25
N PRO A 200 0.66 -1.76 -11.52
CA PRO A 200 0.12 -1.36 -12.84
C PRO A 200 -0.34 0.08 -12.85
N VAL A 201 0.42 0.96 -13.51
CA VAL A 201 0.08 2.37 -13.59
C VAL A 201 -0.89 2.58 -14.75
N SER A 202 -2.14 2.90 -14.42
CA SER A 202 -3.13 3.22 -15.43
C SER A 202 -2.83 4.55 -16.11
N GLY A 203 -2.80 4.54 -17.44
CA GLY A 203 -2.64 5.77 -18.20
C GLY A 203 -3.85 6.69 -18.14
N ILE A 204 -4.96 6.22 -17.55
CA ILE A 204 -6.24 6.91 -17.67
C ILE A 204 -6.29 8.19 -16.86
N ASN A 205 -5.48 8.31 -15.81
CA ASN A 205 -5.62 9.41 -14.87
C ASN A 205 -4.32 9.44 -14.06
N VAL A 206 -3.36 10.22 -14.55
CA VAL A 206 -2.00 10.15 -14.04
C VAL A 206 -1.29 11.47 -14.29
N ALA A 207 -0.32 11.79 -13.44
CA ALA A 207 0.46 13.01 -13.56
C ALA A 207 1.87 12.75 -13.04
N PHE A 208 2.85 13.42 -13.65
CA PHE A 208 4.24 13.16 -13.28
C PHE A 208 5.12 14.35 -13.65
N ASN A 209 6.31 14.37 -13.04
CA ASN A 209 7.37 15.34 -13.31
C ASN A 209 7.99 15.06 -14.66
N ARG A 210 7.64 15.88 -15.66
CA ARG A 210 8.12 15.66 -17.03
C ARG A 210 9.64 15.66 -17.10
N GLU A 211 10.29 16.64 -16.45
CA GLU A 211 11.73 16.82 -16.64
C GLU A 211 12.53 15.63 -16.09
N VAL A 212 11.98 14.90 -15.14
CA VAL A 212 12.68 13.75 -14.54
C VAL A 212 12.23 12.42 -15.17
N LEU A 213 10.92 12.16 -15.17
CA LEU A 213 10.42 10.86 -15.63
C LEU A 213 10.00 10.85 -17.09
N GLY A 214 10.04 12.02 -17.77
CA GLY A 214 9.69 12.10 -19.16
C GLY A 214 10.48 11.20 -20.09
N PRO A 215 11.78 10.98 -19.85
CA PRO A 215 12.52 10.08 -20.74
C PRO A 215 11.95 8.67 -20.76
N VAL A 216 11.41 8.21 -19.62
CA VAL A 216 10.96 6.83 -19.48
C VAL A 216 9.48 6.65 -19.80
N MET A 217 8.68 7.72 -19.75
CA MET A 217 7.30 7.64 -20.24
C MET A 217 7.32 7.61 -21.77
N PHE A 218 7.77 6.48 -22.36
CA PHE A 218 8.02 6.34 -23.77
C PHE A 218 7.01 5.43 -24.46
N PRO A 219 6.64 5.75 -25.72
CA PRO A 219 5.76 4.86 -26.49
C PRO A 219 6.45 3.56 -26.88
N ALA A 220 6.17 2.47 -26.17
CA ALA A 220 6.77 1.19 -26.49
C ALA A 220 5.79 0.09 -26.11
N LEU A 221 6.04 -1.11 -26.64
CA LEU A 221 5.20 -2.27 -26.37
C LEU A 221 3.79 -2.14 -26.97
N ARG A 222 3.70 -1.64 -28.20
CA ARG A 222 2.45 -1.76 -28.94
C ARG A 222 2.15 -3.25 -29.15
N LEU A 223 1.09 -3.75 -28.52
CA LEU A 223 0.76 -5.16 -28.59
C LEU A 223 -0.05 -5.52 -29.83
N ARG A 224 -0.95 -4.63 -30.26
CA ARG A 224 -1.76 -4.78 -31.44
C ARG A 224 -1.65 -3.43 -32.17
N LYS A 225 -2.04 -3.41 -33.44
CA LYS A 225 -1.77 -2.23 -34.24
C LYS A 225 -2.43 -1.00 -33.63
N GLU A 226 -3.74 -1.06 -33.40
CA GLU A 226 -4.45 0.06 -32.81
C GLU A 226 -5.27 -0.46 -31.64
N GLY A 227 -4.87 -0.09 -30.43
CA GLY A 227 -5.73 -0.38 -29.30
C GLY A 227 -6.36 0.96 -28.95
N LYS A 228 -7.64 1.10 -29.27
CA LYS A 228 -8.30 2.37 -29.05
C LYS A 228 -8.97 2.44 -27.69
N HIS A 229 -9.27 1.30 -27.09
CA HIS A 229 -9.66 1.25 -25.68
C HIS A 229 -8.46 0.80 -24.86
N ARG A 230 -8.38 1.30 -23.63
CA ARG A 230 -7.26 0.93 -22.77
C ARG A 230 -7.14 -0.58 -22.63
N TRP A 231 -8.24 -1.32 -22.87
CA TRP A 231 -8.18 -2.78 -22.88
C TRP A 231 -7.07 -3.27 -23.80
N ASP A 232 -7.02 -2.73 -25.01
CA ASP A 232 -6.17 -3.25 -26.08
C ASP A 232 -4.69 -3.01 -25.84
N THR A 233 -4.31 -2.19 -24.86
CA THR A 233 -2.94 -1.75 -24.78
C THR A 233 -2.31 -2.08 -23.44
N LEU A 234 -0.98 -2.14 -23.44
CA LEU A 234 -0.18 -2.22 -22.23
C LEU A 234 0.99 -1.25 -22.30
N GLU A 235 0.99 -0.33 -23.27
CA GLU A 235 2.09 0.62 -23.40
C GLU A 235 2.27 1.41 -22.12
N ASP A 236 1.17 1.72 -21.44
CA ASP A 236 1.24 2.47 -20.19
C ASP A 236 1.75 1.58 -19.05
N VAL A 237 1.26 0.35 -18.96
CA VAL A 237 1.75 -0.56 -17.92
C VAL A 237 3.25 -0.75 -18.06
N TRP A 238 3.76 -0.74 -19.30
CA TRP A 238 5.19 -0.88 -19.52
C TRP A 238 5.92 0.33 -18.98
N ASN A 239 5.44 1.54 -19.30
CA ASN A 239 5.97 2.74 -18.67
C ASN A 239 5.98 2.59 -17.15
N GLY A 240 4.89 2.06 -16.60
CA GLY A 240 4.79 1.95 -15.15
C GLY A 240 5.93 1.16 -14.54
N LEU A 241 6.15 -0.07 -15.03
CA LEU A 241 7.23 -0.89 -14.49
C LEU A 241 8.59 -0.21 -14.67
N CYS A 242 8.85 0.32 -15.87
CA CYS A 242 10.13 0.96 -16.13
C CYS A 242 10.39 2.12 -15.17
N ALA A 243 9.51 3.13 -15.19
CA ALA A 243 9.72 4.30 -14.33
C ALA A 243 9.80 3.89 -12.86
N LYS A 244 9.07 2.86 -12.45
CA LYS A 244 9.08 2.46 -11.05
C LYS A 244 10.46 1.96 -10.64
N VAL A 245 11.12 1.18 -11.52
CA VAL A 245 12.48 0.73 -11.22
C VAL A 245 13.44 1.90 -11.23
N VAL A 246 13.20 2.89 -12.11
CA VAL A 246 14.00 4.12 -12.09
C VAL A 246 13.83 4.83 -10.76
N CYS A 247 12.58 5.08 -10.36
CA CYS A 247 12.32 5.80 -9.12
C CYS A 247 12.95 5.08 -7.93
N ASP A 248 12.93 3.74 -7.95
CA ASP A 248 13.52 3.00 -6.83
C ASP A 248 15.03 3.12 -6.82
N ARG A 249 15.65 3.11 -8.00
CA ARG A 249 17.10 3.26 -8.08
C ARG A 249 17.53 4.66 -7.64
N LEU A 250 16.78 5.68 -8.03
CA LEU A 250 17.09 7.07 -7.72
C LEU A 250 16.50 7.54 -6.39
N ARG A 251 15.76 6.67 -5.69
CA ARG A 251 15.11 7.02 -4.42
C ARG A 251 14.11 8.17 -4.59
N TYR A 252 13.27 8.04 -5.61
CA TYR A 252 12.09 8.87 -5.80
C TYR A 252 10.84 8.07 -5.47
N GLY A 253 9.74 8.78 -5.20
CA GLY A 253 8.52 8.17 -4.71
C GLY A 253 7.42 8.11 -5.75
N VAL A 254 6.51 7.15 -5.56
CA VAL A 254 5.34 6.98 -6.41
C VAL A 254 4.13 6.82 -5.49
N LYS A 255 3.05 7.52 -5.82
CA LYS A 255 1.84 7.56 -5.01
C LYS A 255 0.65 7.07 -5.81
N THR A 256 -0.31 6.45 -5.13
CA THR A 256 -1.51 5.96 -5.77
C THR A 256 -2.72 6.21 -4.88
N GLY A 257 -3.89 6.21 -5.51
CA GLY A 257 -5.14 6.50 -4.82
C GLY A 257 -5.86 7.71 -5.36
N LEU A 258 -6.22 8.63 -4.48
CA LEU A 258 -6.82 9.89 -4.90
C LEU A 258 -5.93 10.57 -5.94
N PRO A 259 -6.50 11.25 -6.95
CA PRO A 259 -7.92 11.54 -7.20
C PRO A 259 -8.66 10.52 -8.04
N TYR A 260 -9.98 10.50 -7.90
CA TYR A 260 -10.84 9.71 -8.77
C TYR A 260 -11.37 10.53 -9.93
N VAL A 261 -11.51 9.88 -11.09
CA VAL A 261 -12.36 10.35 -12.16
C VAL A 261 -13.48 9.33 -12.34
N MET A 262 -14.58 9.81 -12.91
CA MET A 262 -15.72 8.95 -13.26
C MET A 262 -15.48 8.56 -14.71
N ARG A 263 -15.05 7.31 -14.94
CA ARG A 263 -14.64 6.88 -16.27
C ARG A 263 -15.92 6.44 -17.00
N SER A 264 -16.32 7.23 -18.00
CA SER A 264 -17.56 6.96 -18.70
C SER A 264 -17.49 5.60 -19.38
N ASP A 265 -18.65 4.96 -19.50
CA ASP A 265 -18.73 3.55 -19.81
C ASP A 265 -18.46 3.30 -21.29
N ALA A 266 -18.24 2.03 -21.62
CA ALA A 266 -17.78 1.64 -22.93
C ALA A 266 -18.93 1.42 -23.90
N GLU A 267 -18.59 1.48 -25.19
CA GLU A 267 -19.51 1.11 -26.25
C GLU A 267 -19.97 -0.33 -26.06
N ALA A 268 -21.23 -0.61 -26.38
CA ALA A 268 -21.79 -1.93 -26.17
C ALA A 268 -20.98 -2.99 -26.92
N GLY A 269 -20.47 -3.97 -26.18
CA GLY A 269 -19.85 -5.14 -26.77
C GLY A 269 -18.45 -4.95 -27.32
N LYS A 270 -17.96 -3.72 -27.45
CA LYS A 270 -16.59 -3.49 -27.89
C LYS A 270 -15.59 -4.23 -27.03
N ALA A 271 -15.93 -4.52 -25.77
CA ALA A 271 -15.06 -5.30 -24.91
C ALA A 271 -14.70 -6.62 -25.57
N LEU A 272 -15.69 -7.31 -26.14
CA LEU A 272 -15.41 -8.58 -26.81
C LEU A 272 -14.57 -8.38 -28.05
N GLU A 273 -14.87 -7.33 -28.83
CA GLU A 273 -14.07 -7.06 -30.02
C GLU A 273 -12.58 -7.02 -29.69
N SER A 274 -12.21 -6.39 -28.56
CA SER A 274 -10.81 -6.24 -28.22
C SER A 274 -10.24 -7.49 -27.55
N LEU A 275 -11.01 -8.20 -26.73
CA LEU A 275 -10.49 -9.42 -26.08
C LEU A 275 -10.13 -10.47 -27.12
N LYS A 276 -10.98 -10.63 -28.15
CA LYS A 276 -10.72 -11.66 -29.15
C LYS A 276 -9.28 -11.64 -29.66
N GLU A 277 -8.62 -10.50 -29.52
CA GLU A 277 -7.24 -10.32 -29.95
C GLU A 277 -6.31 -9.87 -28.83
N TRP A 278 -6.71 -9.98 -27.57
CA TRP A 278 -5.91 -9.40 -26.49
C TRP A 278 -4.96 -10.47 -25.99
N GLU A 279 -3.75 -10.49 -26.56
CA GLU A 279 -2.69 -11.41 -26.16
C GLU A 279 -2.08 -11.04 -24.82
N GLY A 280 -2.57 -10.00 -24.17
CA GLY A 280 -1.94 -9.49 -22.95
C GLY A 280 -1.85 -10.51 -21.86
N VAL A 281 -2.67 -11.57 -21.92
CA VAL A 281 -2.61 -12.62 -20.91
C VAL A 281 -1.17 -13.09 -20.75
N LYS A 282 -0.57 -13.58 -21.85
CA LYS A 282 0.79 -14.11 -21.74
C LYS A 282 1.82 -12.99 -21.54
N VAL A 283 1.61 -11.82 -22.15
CA VAL A 283 2.64 -10.78 -22.11
C VAL A 283 3.02 -10.46 -20.66
N MET A 284 2.03 -10.24 -19.82
CA MET A 284 2.32 -9.86 -18.44
C MET A 284 3.02 -10.99 -17.69
N ASP A 285 2.73 -12.25 -18.04
CA ASP A 285 3.34 -13.37 -17.35
C ASP A 285 4.82 -13.54 -17.70
N VAL A 286 5.28 -12.91 -18.78
CA VAL A 286 6.70 -12.87 -19.10
C VAL A 286 7.34 -11.57 -18.62
N VAL A 287 6.60 -10.47 -18.68
CA VAL A 287 7.14 -9.19 -18.23
C VAL A 287 7.34 -9.17 -16.72
N LEU A 288 6.49 -9.87 -15.97
CA LEU A 288 6.63 -9.88 -14.52
C LEU A 288 7.98 -10.42 -14.07
N PRO A 289 8.33 -11.68 -14.36
CA PRO A 289 9.62 -12.21 -13.85
C PRO A 289 10.82 -11.40 -14.29
N PHE A 290 10.77 -10.76 -15.45
CA PHE A 290 11.88 -9.93 -15.90
C PHE A 290 12.14 -8.82 -14.90
N PHE A 291 11.09 -8.14 -14.44
CA PHE A 291 11.23 -7.06 -13.48
C PHE A 291 11.41 -7.59 -12.06
N GLU A 292 10.90 -8.78 -11.78
CA GLU A 292 11.25 -9.45 -10.54
C GLU A 292 12.74 -9.73 -10.46
N SER A 293 13.38 -9.99 -11.60
CA SER A 293 14.82 -10.24 -11.66
C SER A 293 15.65 -9.04 -12.11
N LEU A 294 15.09 -7.83 -12.05
CA LEU A 294 15.74 -6.64 -12.60
C LEU A 294 16.24 -5.70 -11.51
N LYS A 295 17.56 -5.71 -11.28
CA LYS A 295 18.20 -4.76 -10.38
C LYS A 295 19.22 -3.89 -11.11
N LEU A 296 18.96 -2.58 -11.18
CA LEU A 296 19.84 -1.68 -11.93
C LEU A 296 21.12 -1.43 -11.15
N SER A 297 22.19 -1.14 -11.89
CA SER A 297 23.49 -0.89 -11.26
C SER A 297 23.46 0.34 -10.37
N SER A 298 24.22 0.27 -9.27
CA SER A 298 24.31 1.39 -8.35
C SER A 298 25.05 2.56 -8.99
N THR A 299 25.82 2.27 -10.05
CA THR A 299 26.58 3.32 -10.73
C THR A 299 25.65 4.34 -11.33
N SER A 300 24.49 3.89 -11.80
CA SER A 300 23.52 4.76 -12.46
C SER A 300 22.99 5.74 -11.44
N VAL A 301 23.13 7.04 -11.73
CA VAL A 301 22.67 8.06 -10.79
C VAL A 301 21.72 9.06 -11.41
N THR A 302 21.73 9.26 -12.72
CA THR A 302 20.72 10.03 -13.42
C THR A 302 19.69 9.13 -14.10
N VAL A 303 18.55 9.73 -14.43
CA VAL A 303 17.55 9.05 -15.26
C VAL A 303 18.21 8.56 -16.54
N GLU A 304 19.08 9.39 -17.13
CA GLU A 304 19.70 9.01 -18.39
C GLU A 304 20.49 7.72 -18.26
N ASP A 305 21.17 7.53 -17.12
CA ASP A 305 21.86 6.28 -16.88
C ASP A 305 20.88 5.11 -16.82
N CYS A 306 19.79 5.27 -16.06
CA CYS A 306 18.86 4.17 -15.85
C CYS A 306 18.14 3.76 -17.13
N VAL A 307 17.65 4.72 -17.91
CA VAL A 307 17.07 4.36 -19.20
C VAL A 307 18.09 3.62 -20.05
N LYS A 308 19.29 4.20 -20.18
CA LYS A 308 20.35 3.55 -20.94
C LYS A 308 20.59 2.12 -20.47
N GLU A 309 20.74 1.92 -19.15
CA GLU A 309 20.98 0.56 -18.68
C GLU A 309 19.78 -0.35 -18.94
N LEU A 310 18.57 0.16 -18.75
CA LEU A 310 17.40 -0.70 -18.83
C LEU A 310 17.09 -1.10 -20.28
N THR A 311 17.14 -0.14 -21.20
CA THR A 311 16.85 -0.45 -22.59
C THR A 311 17.76 -1.57 -23.10
N SER A 312 19.02 -1.57 -22.67
CA SER A 312 19.92 -2.67 -23.02
C SER A 312 19.43 -3.99 -22.43
N ILE A 313 19.14 -3.99 -21.13
CA ILE A 313 18.71 -5.23 -20.48
C ILE A 313 17.42 -5.74 -21.11
N VAL A 314 16.57 -4.84 -21.60
CA VAL A 314 15.41 -5.24 -22.38
C VAL A 314 15.86 -5.82 -23.71
N LYS A 315 16.77 -5.12 -24.40
CA LYS A 315 17.29 -5.59 -25.67
C LYS A 315 17.94 -6.95 -25.51
N GLU A 316 18.69 -7.14 -24.43
CA GLU A 316 19.47 -8.34 -24.20
C GLU A 316 18.59 -9.52 -23.79
N LYS A 317 17.79 -9.34 -22.74
CA LYS A 317 17.05 -10.45 -22.17
C LYS A 317 15.72 -10.69 -22.88
N LEU A 318 14.88 -9.66 -22.97
CA LEU A 318 13.53 -9.82 -23.49
C LEU A 318 13.43 -9.75 -25.00
N GLY A 319 14.38 -9.10 -25.67
CA GLY A 319 14.31 -8.87 -27.08
C GLY A 319 13.96 -10.11 -27.89
N PRO A 320 14.75 -11.17 -27.74
CA PRO A 320 14.49 -12.40 -28.50
C PRO A 320 13.27 -13.19 -28.04
N GLN A 321 12.57 -12.77 -26.99
CA GLN A 321 11.43 -13.55 -26.51
C GLN A 321 10.19 -13.30 -27.37
N ASN A 322 10.05 -12.11 -27.95
CA ASN A 322 8.96 -11.78 -28.86
C ASN A 322 9.31 -10.49 -29.56
N ALA A 323 8.82 -10.34 -30.79
CA ALA A 323 9.11 -9.15 -31.58
C ALA A 323 8.78 -7.87 -30.83
N ILE A 324 7.67 -7.88 -30.08
CA ILE A 324 7.20 -6.64 -29.46
C ILE A 324 8.22 -6.08 -28.49
N PHE A 325 9.05 -6.93 -27.89
CA PHE A 325 10.01 -6.47 -26.89
C PHE A 325 11.21 -5.81 -27.55
N ALA A 326 11.85 -6.50 -28.49
CA ALA A 326 12.90 -5.85 -29.27
C ALA A 326 12.38 -4.59 -29.95
N LYS A 327 11.22 -4.70 -30.60
CA LYS A 327 10.60 -3.53 -31.21
C LYS A 327 10.29 -2.46 -30.18
N ALA A 328 10.13 -2.85 -28.91
CA ALA A 328 9.94 -1.88 -27.84
C ALA A 328 11.27 -1.28 -27.43
N ALA A 329 12.32 -2.12 -27.36
CA ALA A 329 13.65 -1.60 -27.07
C ALA A 329 14.10 -0.64 -28.16
N ASP A 330 13.76 -0.93 -29.42
CA ASP A 330 14.07 -0.01 -30.50
C ASP A 330 13.37 1.33 -30.30
N ALA A 331 12.10 1.30 -29.89
CA ALA A 331 11.38 2.53 -29.62
C ALA A 331 11.84 3.16 -28.30
N MET A 332 12.26 2.34 -27.34
CA MET A 332 12.81 2.89 -26.10
C MET A 332 14.09 3.66 -26.40
N GLU A 333 14.90 3.16 -27.32
CA GLU A 333 16.14 3.84 -27.68
C GLU A 333 15.86 5.09 -28.51
N GLU A 334 14.95 4.97 -29.49
CA GLU A 334 14.63 6.12 -30.33
C GLU A 334 14.11 7.29 -29.49
N TRP A 335 13.32 6.98 -28.45
CA TRP A 335 12.81 8.04 -27.59
C TRP A 335 13.92 8.66 -26.76
N THR A 336 14.91 7.85 -26.36
CA THR A 336 16.05 8.40 -25.63
C THR A 336 16.76 9.49 -26.43
N LYS A 337 16.98 9.27 -27.73
CA LYS A 337 17.48 10.36 -28.55
C LYS A 337 16.48 11.52 -28.58
N LEU A 338 15.24 11.22 -28.93
CA LEU A 338 14.25 12.29 -29.10
C LEU A 338 14.18 13.18 -27.87
N TRP A 339 14.40 12.61 -26.69
CA TRP A 339 14.41 13.44 -25.49
C TRP A 339 15.65 14.33 -25.47
N LYS A 340 16.82 13.75 -25.76
CA LYS A 340 18.02 14.56 -25.82
C LYS A 340 17.93 15.61 -26.91
N SER A 341 17.28 15.26 -28.02
CA SER A 341 17.22 16.10 -29.21
C SER A 341 16.06 17.07 -29.13
N HIS A 342 14.91 16.62 -28.63
CA HIS A 342 13.70 17.43 -28.70
C HIS A 342 13.08 17.82 -27.36
N GLY A 343 13.14 16.96 -26.34
CA GLY A 343 12.36 17.21 -25.13
C GLY A 343 12.94 17.93 -23.93
N ALA A 344 14.25 17.88 -23.79
CA ALA A 344 14.88 18.21 -22.52
C ALA A 344 14.68 19.67 -22.12
N GLN A 345 14.72 19.90 -20.82
CA GLN A 345 14.56 21.22 -20.22
C GLN A 345 14.91 21.15 -18.73
N SER A 346 16.00 21.81 -18.36
CA SER A 346 16.45 22.00 -16.98
C SER A 346 16.57 20.71 -16.19
N ALA A 347 16.73 19.58 -16.87
CA ALA A 347 17.18 18.34 -16.22
C ALA A 347 17.50 17.35 -17.35
N GLU B 4 -8.31 -20.75 5.02
CA GLU B 4 -9.79 -20.97 5.10
C GLU B 4 -10.21 -21.24 6.55
N ILE B 5 -11.36 -20.72 6.95
CA ILE B 5 -11.69 -20.63 8.37
C ILE B 5 -13.14 -21.01 8.64
N GLN B 6 -13.37 -21.61 9.81
CA GLN B 6 -14.66 -21.69 10.48
C GLN B 6 -14.50 -21.07 11.86
N ASP B 7 -15.62 -20.66 12.45
CA ASP B 7 -15.58 -19.88 13.68
C ASP B 7 -14.84 -20.62 14.80
N SER B 8 -15.04 -21.92 14.93
CA SER B 8 -14.54 -22.64 16.10
C SER B 8 -13.02 -22.58 16.28
N GLU B 9 -12.28 -22.03 15.31
CA GLU B 9 -10.83 -21.93 15.42
C GLU B 9 -10.36 -20.57 15.89
N VAL B 10 -11.28 -19.74 16.38
CA VAL B 10 -10.99 -18.35 16.76
C VAL B 10 -10.93 -18.24 18.27
N ASP B 11 -9.92 -17.53 18.77
CA ASP B 11 -9.81 -17.18 20.17
C ASP B 11 -9.76 -15.66 20.28
N ILE B 12 -10.74 -15.07 20.96
CA ILE B 12 -10.70 -13.65 21.32
C ILE B 12 -9.69 -13.53 22.46
N VAL B 13 -8.51 -12.99 22.18
CA VAL B 13 -7.49 -12.80 23.19
C VAL B 13 -7.46 -11.32 23.54
N ILE B 14 -7.68 -11.01 24.81
CA ILE B 14 -7.89 -9.65 25.28
C ILE B 14 -6.93 -9.36 26.41
N ALA B 15 -6.29 -8.19 26.36
CA ALA B 15 -5.55 -7.66 27.50
C ALA B 15 -6.52 -6.89 28.39
N ALA B 16 -6.49 -7.19 29.69
CA ALA B 16 -7.21 -6.40 30.68
C ALA B 16 -6.18 -5.54 31.39
N LEU B 17 -6.14 -4.26 31.03
CA LEU B 17 -5.36 -3.25 31.74
C LEU B 17 -6.25 -2.29 32.52
N GLN B 18 -7.48 -2.06 32.04
CA GLN B 18 -8.56 -1.52 32.85
C GLN B 18 -9.33 -2.68 33.49
N PRO B 19 -9.57 -2.65 34.80
CA PRO B 19 -10.30 -3.79 35.39
C PRO B 19 -11.78 -3.82 35.06
N ASN B 20 -12.43 -2.65 34.96
CA ASN B 20 -13.87 -2.60 34.71
C ASN B 20 -14.11 -2.68 33.21
N LEU B 21 -14.50 -3.87 32.74
CA LEU B 21 -14.75 -4.15 31.34
C LEU B 21 -16.22 -4.29 31.00
N THR B 22 -17.10 -3.63 31.77
CA THR B 22 -18.53 -3.68 31.43
C THR B 22 -18.80 -2.96 30.12
N THR B 23 -18.34 -1.71 29.99
CA THR B 23 -18.56 -0.96 28.77
C THR B 23 -17.92 -1.65 27.57
N PHE B 24 -16.73 -2.20 27.76
CA PHE B 24 -16.01 -2.86 26.67
C PHE B 24 -16.78 -4.07 26.17
N PHE B 25 -17.12 -5.00 27.07
CA PHE B 25 -17.72 -6.25 26.62
C PHE B 25 -19.18 -6.07 26.19
N GLU B 26 -19.93 -5.21 26.88
CA GLU B 26 -21.32 -5.01 26.48
C GLU B 26 -21.44 -4.41 25.09
N ALA B 27 -20.47 -3.58 24.69
CA ALA B 27 -20.50 -3.00 23.35
C ALA B 27 -20.01 -3.99 22.31
N TRP B 28 -18.97 -4.75 22.62
CA TRP B 28 -18.47 -5.76 21.71
C TRP B 28 -19.27 -7.05 21.72
N ARG B 29 -20.25 -7.17 22.62
CA ARG B 29 -20.91 -8.44 22.85
C ARG B 29 -21.48 -9.07 21.58
N PRO B 30 -22.40 -8.40 20.87
CA PRO B 30 -22.99 -9.04 19.68
C PRO B 30 -21.97 -9.68 18.74
N PHE B 31 -20.73 -9.20 18.73
CA PHE B 31 -19.69 -9.68 17.84
C PHE B 31 -18.75 -10.67 18.51
N PHE B 32 -18.50 -10.50 19.81
CA PHE B 32 -17.65 -11.43 20.53
C PHE B 32 -18.39 -12.70 20.97
N SER B 33 -19.67 -12.57 21.34
CA SER B 33 -20.36 -13.61 22.12
C SER B 33 -20.11 -15.02 21.62
N ARG B 34 -20.27 -15.25 20.33
CA ARG B 34 -20.21 -16.60 19.77
C ARG B 34 -18.81 -17.21 19.84
N PHE B 35 -17.83 -16.57 20.48
CA PHE B 35 -16.46 -17.05 20.46
C PHE B 35 -15.90 -17.29 21.86
N HIS B 36 -14.79 -18.03 21.88
CA HIS B 36 -13.99 -18.26 23.09
C HIS B 36 -13.07 -17.09 23.35
N ILE B 37 -13.07 -16.60 24.59
CA ILE B 37 -12.41 -15.36 24.98
C ILE B 37 -11.36 -15.68 26.05
N ILE B 38 -10.09 -15.43 25.71
CA ILE B 38 -9.02 -15.57 26.69
C ILE B 38 -8.63 -14.20 27.23
N VAL B 39 -9.36 -13.72 28.25
CA VAL B 39 -8.95 -12.53 28.99
C VAL B 39 -7.75 -12.89 29.83
N VAL B 40 -6.84 -11.93 30.01
CA VAL B 40 -5.69 -12.09 30.90
C VAL B 40 -5.59 -10.87 31.81
N LYS B 41 -5.49 -11.13 33.11
CA LYS B 41 -5.25 -10.05 34.07
C LYS B 41 -3.79 -9.62 34.05
N ASP B 42 -3.57 -8.32 33.89
CA ASP B 42 -2.25 -7.71 34.04
C ASP B 42 -1.66 -8.09 35.39
N PRO B 43 -0.47 -8.69 35.43
CA PRO B 43 0.15 -8.98 36.73
C PRO B 43 0.17 -7.81 37.70
N ASP B 44 0.40 -6.59 37.21
CA ASP B 44 0.49 -5.42 38.07
C ASP B 44 -0.86 -4.94 38.60
N MET B 45 -1.98 -5.56 38.24
CA MET B 45 -3.27 -4.92 38.47
C MET B 45 -3.67 -5.03 39.95
N ALA B 46 -3.84 -3.87 40.59
CA ALA B 46 -4.23 -3.75 41.99
C ALA B 46 -5.73 -3.79 42.17
N GLU B 47 -6.41 -4.47 41.25
CA GLU B 47 -7.85 -4.59 41.19
C GLU B 47 -8.15 -5.85 40.39
N GLU B 48 -9.41 -6.27 40.33
CA GLU B 48 -9.76 -7.49 39.60
C GLU B 48 -10.84 -7.21 38.55
N LEU B 49 -10.90 -8.11 37.57
CA LEU B 49 -11.63 -7.87 36.33
C LEU B 49 -13.14 -7.94 36.57
N GLN B 50 -13.79 -6.79 36.56
CA GLN B 50 -15.22 -6.66 36.70
C GLN B 50 -15.85 -6.85 35.32
N ILE B 51 -16.15 -8.09 34.98
CA ILE B 51 -16.65 -8.46 33.66
C ILE B 51 -18.12 -8.86 33.79
N PRO B 52 -19.04 -8.26 33.03
CA PRO B 52 -20.38 -8.87 32.93
C PRO B 52 -20.24 -10.15 32.10
N THR B 53 -20.86 -11.22 32.58
CA THR B 53 -20.66 -12.54 31.99
C THR B 53 -21.79 -12.90 31.03
N GLY B 54 -21.84 -14.18 30.67
CA GLY B 54 -22.58 -14.65 29.52
C GLY B 54 -21.69 -14.90 28.32
N PHE B 55 -20.37 -14.91 28.52
CA PHE B 55 -19.38 -15.18 27.49
C PHE B 55 -18.62 -16.45 27.87
N ASP B 56 -17.85 -16.97 26.91
CA ASP B 56 -16.97 -18.13 27.10
C ASP B 56 -15.57 -17.65 27.47
N LEU B 57 -15.38 -17.32 28.74
CA LEU B 57 -14.19 -16.66 29.23
C LEU B 57 -13.31 -17.69 29.95
N LYS B 58 -12.03 -17.73 29.63
CA LYS B 58 -11.04 -18.59 30.30
C LYS B 58 -9.95 -17.67 30.86
N VAL B 59 -10.34 -16.91 31.88
CA VAL B 59 -9.50 -15.88 32.47
C VAL B 59 -8.23 -16.44 33.11
N TYR B 60 -7.17 -15.62 33.08
CA TYR B 60 -5.89 -15.97 33.70
C TYR B 60 -5.31 -14.83 34.53
N THR B 61 -4.33 -15.17 35.38
CA THR B 61 -3.70 -14.21 36.28
C THR B 61 -2.24 -14.61 36.51
N LYS B 62 -1.46 -13.69 37.07
CA LYS B 62 -0.01 -13.84 37.16
C LYS B 62 0.42 -15.16 37.78
N SER B 63 -0.23 -15.57 38.88
CA SER B 63 0.15 -16.82 39.53
C SER B 63 0.15 -17.98 38.55
N ASP B 64 -0.88 -18.07 37.71
CA ASP B 64 -1.05 -19.21 36.83
C ASP B 64 0.15 -19.39 35.89
N MET B 65 0.82 -18.29 35.54
CA MET B 65 1.93 -18.35 34.60
C MET B 65 3.15 -19.08 35.16
N GLY B 66 3.23 -19.22 36.48
CA GLY B 66 4.37 -19.84 37.12
C GLY B 66 4.61 -21.28 36.70
N VAL B 67 3.72 -21.87 35.91
CA VAL B 67 3.97 -23.24 35.45
C VAL B 67 5.32 -23.33 34.75
N LEU B 68 5.86 -22.21 34.30
CA LEU B 68 7.29 -22.08 34.00
C LEU B 68 7.73 -20.72 34.53
N GLY B 69 8.99 -20.62 34.93
CA GLY B 69 9.47 -19.37 35.49
C GLY B 69 9.65 -18.29 34.45
N ALA B 70 9.91 -18.67 33.20
CA ALA B 70 10.27 -17.71 32.15
C ALA B 70 11.17 -16.64 32.76
N THR B 71 12.46 -16.98 32.91
CA THR B 71 13.40 -16.19 33.69
C THR B 71 13.85 -14.90 33.02
N SER B 72 13.70 -14.75 31.69
CA SER B 72 14.17 -13.53 31.04
C SER B 72 13.05 -12.69 30.46
N ILE B 73 11.79 -12.95 30.83
CA ILE B 73 10.64 -12.24 30.28
C ILE B 73 9.83 -11.60 31.40
N ASP B 74 9.37 -10.38 31.14
CA ASP B 74 8.40 -9.68 32.00
C ASP B 74 7.06 -9.64 31.29
N PHE B 75 6.03 -10.21 31.93
CA PHE B 75 4.70 -10.29 31.35
C PHE B 75 3.73 -9.27 31.90
N SER B 76 4.21 -8.22 32.55
CA SER B 76 3.33 -7.20 33.08
C SER B 76 2.93 -6.22 31.97
N GLY B 77 1.78 -5.59 32.15
CA GLY B 77 1.33 -4.61 31.16
C GLY B 77 0.92 -5.26 29.86
N HIS B 78 1.26 -4.58 28.76
CA HIS B 78 0.83 -5.06 27.44
C HIS B 78 1.35 -6.46 27.15
N SER B 79 2.51 -6.82 27.70
CA SER B 79 3.10 -8.12 27.43
C SER B 79 2.24 -9.27 27.94
N CYS B 80 1.37 -9.03 28.93
CA CYS B 80 0.54 -10.10 29.45
C CYS B 80 -0.36 -10.69 28.37
N ARG B 81 -0.70 -9.90 27.35
CA ARG B 81 -1.57 -10.40 26.29
C ARG B 81 -0.94 -11.57 25.54
N TYR B 82 0.39 -11.69 25.57
CA TYR B 82 1.07 -12.79 24.89
C TYR B 82 0.88 -14.11 25.60
N PHE B 83 0.54 -14.10 26.89
CA PHE B 83 0.21 -15.35 27.57
C PHE B 83 -0.96 -16.05 26.90
N GLY B 84 -1.99 -15.30 26.52
CA GLY B 84 -3.13 -15.89 25.85
C GLY B 84 -2.76 -16.62 24.57
N TYR B 85 -1.76 -16.12 23.85
CA TYR B 85 -1.33 -16.82 22.64
C TYR B 85 -0.70 -18.17 22.97
N LEU B 86 -0.14 -18.29 24.19
CA LEU B 86 0.55 -19.51 24.61
C LEU B 86 -0.43 -20.54 25.16
N VAL B 87 -1.42 -20.11 25.95
CA VAL B 87 -2.36 -21.03 26.56
C VAL B 87 -3.59 -21.27 25.70
N SER B 88 -3.64 -20.70 24.50
CA SER B 88 -4.60 -21.10 23.48
C SER B 88 -4.17 -22.38 22.78
N ARG B 89 -5.16 -23.09 22.21
CA ARG B 89 -4.91 -24.25 21.36
C ARG B 89 -5.70 -24.11 20.06
N LYS B 90 -5.92 -22.88 19.60
CA LYS B 90 -6.71 -22.62 18.41
C LYS B 90 -5.80 -22.20 17.27
N LYS B 91 -6.33 -22.26 16.03
CA LYS B 91 -5.49 -21.92 14.90
C LYS B 91 -5.28 -20.40 14.82
N TYR B 92 -6.34 -19.62 15.04
CA TYR B 92 -6.27 -18.16 14.84
C TYR B 92 -6.54 -17.37 16.12
N VAL B 93 -5.83 -16.24 16.24
CA VAL B 93 -5.96 -15.31 17.34
C VAL B 93 -6.54 -13.99 16.81
N ILE B 94 -7.65 -13.54 17.39
CA ILE B 94 -8.17 -12.20 17.15
C ILE B 94 -7.97 -11.39 18.43
N SER B 95 -7.26 -10.27 18.33
CA SER B 95 -6.74 -9.59 19.51
C SER B 95 -6.84 -8.08 19.41
N ILE B 96 -7.51 -7.48 20.39
CA ILE B 96 -7.66 -6.02 20.51
C ILE B 96 -7.52 -5.68 21.99
N ASP B 97 -7.28 -4.39 22.27
CA ASP B 97 -7.13 -3.93 23.63
C ASP B 97 -8.45 -3.41 24.22
N ASP B 98 -8.54 -3.45 25.55
CA ASP B 98 -9.77 -3.16 26.27
C ASP B 98 -10.31 -1.77 26.03
N ASN B 99 -9.49 -0.82 25.57
CA ASN B 99 -9.97 0.54 25.37
C ASN B 99 -10.56 0.79 23.99
N CYS B 100 -10.67 -0.24 23.17
CA CYS B 100 -11.24 -0.10 21.83
C CYS B 100 -12.70 -0.55 21.85
N LEU B 101 -13.53 0.17 21.11
CA LEU B 101 -14.95 -0.12 20.94
C LEU B 101 -15.33 -0.28 19.48
N PRO B 102 -16.46 -0.92 19.20
CA PRO B 102 -16.86 -1.14 17.81
C PRO B 102 -17.08 0.17 17.08
N ALA B 103 -16.59 0.23 15.85
CA ALA B 103 -16.49 1.45 15.07
C ALA B 103 -17.80 1.79 14.37
N LYS B 104 -17.85 3.01 13.84
CA LYS B 104 -18.92 3.48 12.98
C LYS B 104 -18.42 3.50 11.53
N ASP B 105 -19.16 2.87 10.63
CA ASP B 105 -18.85 2.91 9.22
C ASP B 105 -19.25 4.29 8.66
N ASN B 106 -18.97 4.50 7.36
CA ASN B 106 -19.42 5.73 6.75
C ASN B 106 -20.95 5.78 6.67
N GLY B 107 -21.58 4.64 6.47
CA GLY B 107 -23.02 4.51 6.48
C GLY B 107 -23.67 4.49 7.84
N GLY B 108 -22.91 4.72 8.91
CA GLY B 108 -23.44 4.54 10.23
C GLY B 108 -23.56 3.10 10.67
N LEU B 109 -23.15 2.15 9.83
CA LEU B 109 -23.18 0.75 10.21
C LEU B 109 -22.14 0.48 11.29
N THR B 110 -22.43 -0.50 12.14
CA THR B 110 -21.49 -0.91 13.18
C THR B 110 -20.58 -2.00 12.61
N VAL B 111 -19.27 -1.79 12.70
CA VAL B 111 -18.30 -2.62 12.02
C VAL B 111 -17.96 -3.82 12.89
N ASP B 112 -18.44 -5.00 12.46
CA ASP B 112 -18.01 -6.26 13.06
C ASP B 112 -16.56 -6.56 12.68
N ALA B 113 -15.62 -6.02 13.45
CA ALA B 113 -14.21 -6.22 13.14
C ALA B 113 -13.84 -7.69 13.19
N VAL B 114 -14.56 -8.49 13.98
CA VAL B 114 -14.22 -9.91 14.09
C VAL B 114 -14.50 -10.64 12.78
N ALA B 115 -15.63 -10.31 12.13
CA ALA B 115 -15.96 -10.93 10.85
C ALA B 115 -15.05 -10.43 9.74
N GLN B 116 -14.56 -9.19 9.85
CA GLN B 116 -13.63 -8.68 8.83
C GLN B 116 -12.26 -9.32 8.99
N HIS B 117 -11.78 -9.48 10.23
CA HIS B 117 -10.52 -10.17 10.44
C HIS B 117 -10.54 -11.58 9.86
N MET B 118 -11.61 -12.33 10.14
CA MET B 118 -11.72 -13.67 9.58
C MET B 118 -11.71 -13.63 8.06
N SER B 119 -12.42 -12.66 7.47
CA SER B 119 -12.42 -12.51 6.01
C SER B 119 -11.02 -12.21 5.50
N ASN B 120 -10.31 -11.30 6.17
CA ASN B 120 -8.97 -10.92 5.72
C ASN B 120 -8.06 -12.14 5.63
N LEU B 121 -8.19 -13.10 6.56
CA LEU B 121 -7.24 -14.20 6.54
C LEU B 121 -7.63 -15.29 5.53
N LYS B 122 -8.90 -15.73 5.55
CA LYS B 122 -9.30 -16.75 4.57
C LYS B 122 -9.07 -16.29 3.14
N THR B 123 -9.11 -14.98 2.91
CA THR B 123 -8.98 -14.43 1.57
C THR B 123 -7.50 -14.30 1.22
N PRO B 124 -7.06 -14.83 0.06
CA PRO B 124 -5.62 -14.73 -0.29
C PRO B 124 -5.06 -13.31 -0.26
N ALA B 125 -3.73 -13.22 -0.29
CA ALA B 125 -3.01 -11.95 -0.25
C ALA B 125 -2.14 -11.80 -1.50
N THR B 126 -1.84 -10.55 -1.85
CA THR B 126 -1.18 -10.21 -3.10
C THR B 126 0.11 -9.42 -2.84
N PRO B 127 1.09 -10.03 -2.17
CA PRO B 127 2.30 -9.26 -1.82
C PRO B 127 3.25 -9.01 -2.99
N PHE B 128 3.12 -9.76 -4.08
CA PHE B 128 4.08 -9.67 -5.17
C PHE B 128 3.80 -8.56 -6.17
N PHE B 129 2.57 -8.05 -6.22
CA PHE B 129 2.21 -7.05 -7.20
C PHE B 129 1.09 -6.19 -6.63
N PHE B 130 1.24 -4.87 -6.73
CA PHE B 130 0.32 -3.94 -6.09
C PHE B 130 -0.89 -3.71 -6.98
N ASN B 131 -2.01 -4.32 -6.61
CA ASN B 131 -3.28 -4.04 -7.27
C ASN B 131 -3.78 -2.66 -6.86
N THR B 132 -3.87 -1.74 -7.83
CA THR B 132 -4.17 -0.35 -7.49
C THR B 132 -5.60 -0.16 -7.01
N LEU B 133 -6.48 -1.15 -7.16
CA LEU B 133 -7.79 -1.10 -6.53
C LEU B 133 -7.81 -1.75 -5.15
N TYR B 134 -6.65 -2.23 -4.65
CA TYR B 134 -6.60 -2.89 -3.35
C TYR B 134 -7.36 -4.20 -3.45
N ASP B 135 -7.67 -4.82 -2.32
CA ASP B 135 -8.13 -6.21 -2.24
C ASP B 135 -8.91 -6.65 -3.47
N PRO B 136 -8.32 -7.45 -4.36
CA PRO B 136 -9.02 -7.82 -5.58
C PRO B 136 -10.22 -8.76 -5.37
N PHE B 137 -10.44 -9.22 -4.13
CA PHE B 137 -11.53 -10.16 -3.84
C PHE B 137 -12.72 -9.50 -3.15
N ARG B 138 -12.52 -8.35 -2.51
CA ARG B 138 -13.60 -7.52 -2.00
C ARG B 138 -14.59 -7.19 -3.12
N LYS B 139 -15.87 -7.09 -2.75
CA LYS B 139 -16.89 -6.76 -3.74
C LYS B 139 -16.67 -5.34 -4.26
N GLY B 140 -16.88 -5.16 -5.56
CA GLY B 140 -16.59 -3.91 -6.21
C GLY B 140 -15.15 -3.74 -6.64
N ALA B 141 -14.22 -4.42 -5.99
CA ALA B 141 -12.83 -4.48 -6.39
C ALA B 141 -12.58 -5.70 -7.28
N ASP B 142 -11.47 -5.66 -8.00
CA ASP B 142 -11.08 -6.75 -8.89
C ASP B 142 -9.65 -6.48 -9.36
N PHE B 143 -9.14 -7.36 -10.22
CA PHE B 143 -7.77 -7.25 -10.69
C PHE B 143 -7.66 -6.22 -11.80
N VAL B 144 -6.77 -5.24 -11.62
CA VAL B 144 -6.58 -4.15 -12.55
C VAL B 144 -5.82 -4.62 -13.78
N ARG B 145 -6.15 -4.02 -14.92
CA ARG B 145 -5.42 -4.28 -16.16
C ARG B 145 -3.92 -4.16 -15.90
N GLY B 146 -3.18 -5.20 -16.29
CA GLY B 146 -1.76 -5.25 -16.07
C GLY B 146 -1.33 -6.08 -14.88
N TYR B 147 -2.25 -6.50 -14.04
CA TYR B 147 -1.91 -7.43 -12.97
C TYR B 147 -1.65 -8.80 -13.58
N PRO B 148 -0.44 -9.33 -13.50
CA PRO B 148 -0.14 -10.57 -14.24
C PRO B 148 -1.02 -11.73 -13.78
N PHE B 149 -1.34 -12.62 -14.71
CA PHE B 149 -2.33 -13.64 -14.42
C PHE B 149 -1.77 -14.79 -13.58
N SER B 150 -0.48 -15.09 -13.70
CA SER B 150 0.11 -16.12 -12.86
C SER B 150 -0.05 -15.81 -11.38
N LEU B 151 -0.25 -14.55 -11.01
CA LEU B 151 -0.32 -14.13 -9.61
C LEU B 151 -1.73 -13.96 -9.05
N ARG B 152 -2.78 -14.22 -9.83
CA ARG B 152 -4.11 -13.88 -9.36
C ARG B 152 -4.55 -14.69 -8.13
N GLU B 153 -3.98 -15.88 -7.91
CA GLU B 153 -4.28 -16.68 -6.72
C GLU B 153 -3.18 -16.48 -5.67
N GLY B 154 -3.44 -15.57 -4.73
CA GLY B 154 -2.42 -15.17 -3.78
C GLY B 154 -2.11 -16.20 -2.70
N VAL B 155 -0.99 -15.95 -2.01
CA VAL B 155 -0.61 -16.77 -0.86
C VAL B 155 -1.54 -16.52 0.32
N GLU B 156 -1.62 -17.49 1.20
CA GLU B 156 -2.53 -17.37 2.34
C GLU B 156 -2.06 -16.27 3.28
N CYS B 157 -3.02 -15.49 3.77
CA CYS B 157 -2.73 -14.40 4.70
C CYS B 157 -2.56 -14.92 6.12
N MET B 158 -1.37 -14.73 6.68
CA MET B 158 -1.08 -15.19 8.04
C MET B 158 -1.31 -14.11 9.09
N LEU B 159 -1.41 -12.83 8.70
CA LEU B 159 -1.58 -11.76 9.68
C LEU B 159 -2.46 -10.67 9.10
N SER B 160 -3.44 -10.23 9.88
CA SER B 160 -4.35 -9.15 9.51
C SER B 160 -4.36 -8.11 10.63
N CYS B 161 -3.82 -6.94 10.36
CA CYS B 161 -3.77 -5.84 11.32
C CYS B 161 -4.69 -4.72 10.86
N GLY B 162 -5.68 -4.37 11.70
CA GLY B 162 -6.65 -3.36 11.39
C GLY B 162 -6.25 -1.97 11.86
N LEU B 163 -7.17 -1.03 11.68
CA LEU B 163 -6.96 0.38 12.00
C LEU B 163 -7.91 0.85 13.11
N TRP B 164 -7.83 2.15 13.39
CA TRP B 164 -8.44 2.75 14.59
C TRP B 164 -8.88 4.17 14.29
N LEU B 165 -10.14 4.47 14.59
CA LEU B 165 -10.62 5.84 14.57
C LEU B 165 -10.45 6.52 15.94
N HIS B 166 -10.63 7.85 15.96
CA HIS B 166 -10.51 8.68 17.15
C HIS B 166 -9.07 8.68 17.64
N ASN B 167 -8.81 8.13 18.83
CA ASN B 167 -7.46 8.18 19.41
C ASN B 167 -6.56 7.17 18.67
N ALA B 168 -6.09 7.60 17.50
CA ALA B 168 -5.24 6.77 16.66
C ALA B 168 -3.89 6.52 17.33
N ASP B 169 -3.18 5.52 16.81
CA ASP B 169 -1.94 5.01 17.40
C ASP B 169 -0.72 5.87 17.05
N TYR B 170 -0.81 7.14 17.36
CA TYR B 170 0.35 8.02 17.25
C TYR B 170 1.32 7.83 18.42
N ASP B 171 2.60 8.12 18.19
CA ASP B 171 3.55 8.17 19.30
C ASP B 171 3.19 9.34 20.22
N PRO B 172 3.58 9.26 21.50
CA PRO B 172 3.11 10.29 22.45
C PRO B 172 3.59 11.68 22.09
N MET B 173 4.76 11.80 21.46
CA MET B 173 5.24 13.10 21.03
C MET B 173 4.28 13.72 20.03
N THR B 174 3.96 12.97 18.97
CA THR B 174 2.98 13.45 17.98
C THR B 174 1.64 13.76 18.63
N HIS B 175 1.26 13.01 19.66
CA HIS B 175 -0.02 13.22 20.31
C HIS B 175 -0.04 14.53 21.08
N VAL B 176 1.00 14.77 21.90
CA VAL B 176 1.04 15.98 22.71
C VAL B 176 1.08 17.23 21.83
N VAL B 177 1.94 17.19 20.80
CA VAL B 177 2.23 18.41 20.05
C VAL B 177 1.04 18.81 19.18
N LYS B 178 0.42 17.84 18.52
CA LYS B 178 -0.70 18.11 17.63
C LYS B 178 -1.98 18.49 18.37
N ARG B 179 -2.02 18.36 19.70
CA ARG B 179 -3.15 18.84 20.50
C ARG B 179 -4.42 18.03 20.26
N ASN B 180 -5.25 18.47 19.32
CA ASN B 180 -6.56 17.88 19.14
C ASN B 180 -6.75 17.29 17.74
N GLN B 181 -5.75 16.55 17.28
CA GLN B 181 -5.89 15.74 16.08
C GLN B 181 -6.50 14.41 16.45
N ARG B 182 -7.65 14.09 15.86
CA ARG B 182 -8.32 12.82 16.04
C ARG B 182 -8.57 12.24 14.65
N ASN B 183 -8.49 10.91 14.52
CA ASN B 183 -8.72 10.30 13.21
C ASN B 183 -10.22 10.26 12.92
N THR B 184 -10.62 10.86 11.80
CA THR B 184 -12.01 10.85 11.35
C THR B 184 -12.16 10.33 9.93
N THR B 185 -11.07 9.94 9.26
CA THR B 185 -11.10 9.52 7.86
C THR B 185 -11.23 8.01 7.80
N TYR B 186 -12.45 7.53 7.59
CA TYR B 186 -12.73 6.11 7.40
C TYR B 186 -12.36 5.71 5.97
N VAL B 187 -11.21 5.06 5.81
CA VAL B 187 -10.74 4.63 4.50
C VAL B 187 -11.22 3.19 4.28
N ASP B 188 -12.25 3.04 3.45
CA ASP B 188 -12.83 1.73 3.11
C ASP B 188 -11.84 0.97 2.24
N ALA B 189 -10.82 0.38 2.87
CA ALA B 189 -9.85 -0.39 2.09
C ALA B 189 -9.09 -1.37 2.97
N VAL B 190 -8.88 -2.57 2.42
CA VAL B 190 -7.95 -3.57 2.96
C VAL B 190 -6.98 -3.91 1.83
N MET B 191 -5.70 -4.03 2.17
CA MET B 191 -4.67 -4.21 1.15
C MET B 191 -3.54 -5.07 1.67
N THR B 192 -2.91 -5.81 0.76
CA THR B 192 -1.73 -6.60 1.09
C THR B 192 -0.50 -5.70 1.13
N VAL B 193 0.26 -5.76 2.21
CA VAL B 193 1.53 -5.05 2.34
C VAL B 193 2.53 -5.77 1.46
N PRO B 194 3.07 -5.10 0.41
CA PRO B 194 3.94 -5.81 -0.54
C PRO B 194 5.13 -6.52 0.09
N LEU B 195 5.68 -7.48 -0.66
CA LEU B 195 6.87 -8.21 -0.23
C LEU B 195 8.00 -7.26 0.11
N GLY B 196 8.70 -7.56 1.20
CA GLY B 196 9.85 -6.81 1.63
C GLY B 196 9.56 -5.47 2.27
N ALA B 197 8.34 -4.94 2.13
CA ALA B 197 8.01 -3.64 2.67
C ALA B 197 7.82 -3.69 4.18
N MET B 198 8.56 -2.84 4.88
CA MET B 198 8.44 -2.73 6.33
C MET B 198 7.21 -1.93 6.74
N MET B 199 6.69 -2.22 7.93
CA MET B 199 5.47 -1.58 8.42
C MET B 199 5.45 -1.56 9.93
N PRO B 200 4.72 -0.61 10.54
CA PRO B 200 4.45 -0.69 11.97
C PRO B 200 3.17 -1.46 12.26
N VAL B 201 3.30 -2.68 12.80
CA VAL B 201 2.12 -3.47 13.16
C VAL B 201 1.62 -2.96 14.51
N SER B 202 0.49 -2.26 14.49
CA SER B 202 -0.13 -1.83 15.73
C SER B 202 -0.65 -3.06 16.45
N GLY B 203 -0.20 -3.27 17.68
CA GLY B 203 -0.78 -4.34 18.46
C GLY B 203 -2.23 -4.17 18.83
N ILE B 204 -2.76 -2.97 18.64
CA ILE B 204 -4.03 -2.55 19.21
C ILE B 204 -5.21 -3.18 18.50
N ASN B 205 -5.02 -3.70 17.27
CA ASN B 205 -6.16 -4.27 16.52
C ASN B 205 -5.60 -5.20 15.43
N VAL B 206 -5.48 -6.49 15.77
CA VAL B 206 -4.73 -7.42 14.93
C VAL B 206 -5.23 -8.84 15.15
N ALA B 207 -5.08 -9.70 14.14
CA ALA B 207 -5.45 -11.10 14.18
C ALA B 207 -4.46 -11.89 13.33
N PHE B 208 -4.16 -13.12 13.76
CA PHE B 208 -3.13 -13.88 13.07
C PHE B 208 -3.27 -15.38 13.30
N ASN B 209 -2.60 -16.14 12.44
CA ASN B 209 -2.51 -17.60 12.55
C ASN B 209 -1.59 -17.94 13.72
N ARG B 210 -2.22 -18.35 14.83
CA ARG B 210 -1.45 -18.68 16.02
C ARG B 210 -0.41 -19.77 15.72
N GLU B 211 -0.84 -20.79 14.98
CA GLU B 211 0.00 -21.97 14.74
C GLU B 211 1.23 -21.64 13.92
N VAL B 212 1.20 -20.59 13.12
CA VAL B 212 2.32 -20.23 12.26
C VAL B 212 3.15 -19.11 12.86
N LEU B 213 2.52 -18.00 13.25
CA LEU B 213 3.26 -16.82 13.69
C LEU B 213 3.39 -16.69 15.22
N GLY B 214 2.77 -17.58 15.99
CA GLY B 214 2.95 -17.56 17.42
C GLY B 214 4.40 -17.60 17.87
N PRO B 215 5.29 -18.33 17.19
CA PRO B 215 6.70 -18.32 17.58
C PRO B 215 7.35 -16.94 17.53
N VAL B 216 6.95 -16.09 16.60
CA VAL B 216 7.64 -14.81 16.41
C VAL B 216 7.01 -13.68 17.21
N MET B 217 5.73 -13.80 17.58
CA MET B 217 5.08 -12.82 18.43
C MET B 217 5.66 -12.91 19.84
N PHE B 218 6.92 -12.43 20.03
CA PHE B 218 7.52 -12.63 21.34
C PHE B 218 7.47 -11.33 22.13
N PRO B 219 7.04 -11.37 23.40
CA PRO B 219 7.05 -10.13 24.21
C PRO B 219 8.47 -9.69 24.56
N ALA B 220 9.03 -8.78 23.76
CA ALA B 220 10.37 -8.30 23.98
C ALA B 220 10.52 -6.88 23.42
N LEU B 221 11.59 -6.22 23.84
CA LEU B 221 11.90 -4.84 23.47
C LEU B 221 10.84 -3.87 24.02
N ARG B 222 10.26 -4.24 25.17
CA ARG B 222 9.54 -3.29 26.00
C ARG B 222 10.52 -2.28 26.57
N LEU B 223 10.12 -1.00 26.60
CA LEU B 223 11.08 0.05 26.93
C LEU B 223 11.30 0.16 28.43
N ARG B 224 10.26 0.04 29.25
CA ARG B 224 10.44 0.01 30.71
C ARG B 224 9.33 -0.82 31.34
N LYS B 225 9.49 -1.12 32.64
CA LYS B 225 8.46 -1.93 33.31
C LYS B 225 7.13 -1.18 33.35
N GLU B 226 7.15 0.07 33.83
CA GLU B 226 5.94 0.87 33.96
C GLU B 226 5.37 1.21 32.58
N GLY B 227 4.13 1.73 32.58
CA GLY B 227 3.54 2.11 31.31
C GLY B 227 2.36 1.24 30.95
N LYS B 228 1.22 1.82 30.62
CA LYS B 228 0.02 1.05 30.30
C LYS B 228 -0.66 1.52 29.02
N HIS B 229 -0.28 2.67 28.46
CA HIS B 229 -0.72 3.14 27.16
C HIS B 229 0.24 2.65 26.08
N ARG B 230 -0.31 2.36 24.90
CA ARG B 230 0.52 1.85 23.81
C ARG B 230 1.71 2.75 23.51
N TRP B 231 1.62 4.02 23.90
CA TRP B 231 2.77 4.92 23.78
C TRP B 231 4.01 4.32 24.43
N ASP B 232 3.83 3.70 25.60
CA ASP B 232 4.97 3.36 26.44
C ASP B 232 5.88 2.29 25.83
N THR B 233 5.43 1.56 24.82
CA THR B 233 6.18 0.42 24.31
C THR B 233 6.28 0.46 22.78
N LEU B 234 7.23 -0.33 22.27
CA LEU B 234 7.42 -0.57 20.85
C LEU B 234 7.49 -2.06 20.54
N GLU B 235 7.17 -2.93 21.51
CA GLU B 235 7.28 -4.37 21.31
C GLU B 235 6.38 -4.87 20.18
N ASP B 236 5.20 -4.27 19.99
CA ASP B 236 4.34 -4.73 18.91
C ASP B 236 4.89 -4.30 17.54
N VAL B 237 5.34 -3.05 17.41
CA VAL B 237 5.97 -2.64 16.16
C VAL B 237 7.20 -3.49 15.89
N TRP B 238 7.91 -3.91 16.95
CA TRP B 238 9.06 -4.80 16.81
C TRP B 238 8.64 -6.19 16.34
N ASN B 239 7.64 -6.79 17.00
CA ASN B 239 7.10 -8.05 16.50
C ASN B 239 6.74 -7.94 15.02
N GLY B 240 6.11 -6.82 14.63
CA GLY B 240 5.71 -6.65 13.25
C GLY B 240 6.88 -6.82 12.29
N LEU B 241 7.97 -6.12 12.54
CA LEU B 241 9.15 -6.21 11.67
C LEU B 241 9.64 -7.65 11.59
N CYS B 242 9.76 -8.32 12.73
CA CYS B 242 10.19 -9.72 12.74
C CYS B 242 9.22 -10.56 11.93
N ALA B 243 7.94 -10.53 12.31
CA ALA B 243 6.94 -11.35 11.63
C ALA B 243 6.90 -11.05 10.13
N LYS B 244 7.08 -9.78 9.76
CA LYS B 244 7.02 -9.41 8.34
C LYS B 244 8.16 -10.01 7.55
N VAL B 245 9.39 -9.95 8.07
CA VAL B 245 10.51 -10.58 7.38
C VAL B 245 10.36 -12.09 7.38
N VAL B 246 9.75 -12.67 8.42
CA VAL B 246 9.42 -14.09 8.38
C VAL B 246 8.46 -14.38 7.23
N CYS B 247 7.34 -13.66 7.17
CA CYS B 247 6.35 -13.92 6.14
C CYS B 247 6.92 -13.75 4.74
N ASP B 248 7.78 -12.73 4.54
CA ASP B 248 8.30 -12.46 3.20
C ASP B 248 9.27 -13.53 2.76
N ARG B 249 10.07 -14.04 3.70
CA ARG B 249 10.98 -15.14 3.40
C ARG B 249 10.22 -16.41 3.01
N LEU B 250 9.08 -16.64 3.65
CA LEU B 250 8.27 -17.82 3.39
C LEU B 250 7.26 -17.67 2.25
N ARG B 251 7.20 -16.51 1.60
CA ARG B 251 6.16 -16.22 0.61
C ARG B 251 4.78 -16.42 1.23
N TYR B 252 4.60 -15.91 2.46
CA TYR B 252 3.29 -15.82 3.09
C TYR B 252 2.86 -14.36 3.12
N GLY B 253 1.56 -14.13 3.31
CA GLY B 253 0.97 -12.80 3.16
C GLY B 253 0.57 -12.02 4.40
N VAL B 254 0.53 -10.70 4.28
CA VAL B 254 0.14 -9.79 5.36
C VAL B 254 -0.84 -8.76 4.81
N LYS B 255 -1.92 -8.49 5.55
CA LYS B 255 -2.88 -7.47 5.14
C LYS B 255 -3.07 -6.40 6.19
N THR B 256 -3.41 -5.19 5.74
CA THR B 256 -3.67 -4.04 6.60
C THR B 256 -4.83 -3.24 6.03
N GLY B 257 -5.45 -2.42 6.89
CA GLY B 257 -6.60 -1.62 6.51
C GLY B 257 -7.81 -1.96 7.35
N LEU B 258 -8.95 -2.21 6.71
CA LEU B 258 -10.14 -2.69 7.42
C LEU B 258 -9.75 -3.92 8.24
N PRO B 259 -10.35 -4.16 9.40
CA PRO B 259 -11.43 -3.37 9.99
C PRO B 259 -10.98 -2.21 10.85
N TYR B 260 -11.83 -1.21 11.03
CA TYR B 260 -11.58 -0.18 12.01
C TYR B 260 -12.21 -0.55 13.34
N VAL B 261 -11.52 -0.22 14.42
CA VAL B 261 -12.10 -0.11 15.74
C VAL B 261 -12.01 1.37 16.13
N MET B 262 -12.88 1.80 17.02
CA MET B 262 -12.85 3.16 17.55
C MET B 262 -12.18 3.17 18.93
N ARG B 263 -10.99 3.75 18.99
CA ARG B 263 -10.17 3.76 20.20
C ARG B 263 -10.53 4.95 21.09
N SER B 264 -11.12 4.68 22.25
CA SER B 264 -11.52 5.73 23.17
C SER B 264 -10.30 6.45 23.74
N ASP B 265 -10.50 7.73 24.10
CA ASP B 265 -9.43 8.67 24.36
C ASP B 265 -8.81 8.48 25.75
N ALA B 266 -7.67 9.13 25.95
CA ALA B 266 -6.84 8.95 27.13
C ALA B 266 -7.22 9.92 28.25
N GLU B 267 -6.85 9.53 29.48
CA GLU B 267 -6.92 10.45 30.61
C GLU B 267 -6.04 11.67 30.37
N ALA B 268 -6.45 12.80 30.93
CA ALA B 268 -5.79 14.08 30.72
C ALA B 268 -4.31 14.03 31.09
N GLY B 269 -3.48 14.40 30.12
CA GLY B 269 -2.06 14.61 30.35
C GLY B 269 -1.20 13.37 30.45
N LYS B 270 -1.78 12.18 30.52
CA LYS B 270 -0.92 11.00 30.58
C LYS B 270 0.02 10.95 29.38
N ALA B 271 -0.39 11.54 28.26
CA ALA B 271 0.48 11.59 27.09
C ALA B 271 1.82 12.24 27.43
N LEU B 272 1.77 13.36 28.13
CA LEU B 272 3.00 14.03 28.57
C LEU B 272 3.72 13.21 29.64
N GLU B 273 2.98 12.67 30.61
CA GLU B 273 3.60 11.86 31.65
C GLU B 273 4.45 10.74 31.05
N SER B 274 3.90 10.06 30.04
CA SER B 274 4.62 8.99 29.37
C SER B 274 5.66 9.54 28.39
N LEU B 275 5.39 10.71 27.80
CA LEU B 275 6.35 11.33 26.90
C LEU B 275 7.69 11.54 27.58
N LYS B 276 7.68 12.05 28.81
CA LYS B 276 8.93 12.37 29.49
C LYS B 276 9.93 11.22 29.51
N GLU B 277 9.47 9.97 29.39
CA GLU B 277 10.31 8.80 29.59
C GLU B 277 10.33 7.87 28.38
N TRP B 278 9.88 8.35 27.22
CA TRP B 278 9.78 7.58 25.99
C TRP B 278 11.02 7.82 25.14
N GLU B 279 12.01 6.93 25.27
CA GLU B 279 13.24 6.90 24.48
C GLU B 279 13.04 6.42 23.05
N GLY B 280 11.79 6.17 22.63
CA GLY B 280 11.53 5.50 21.36
C GLY B 280 12.01 6.19 20.10
N VAL B 281 12.18 7.51 20.12
CA VAL B 281 12.68 8.20 18.93
C VAL B 281 13.98 7.54 18.45
N LYS B 282 14.95 7.44 19.36
CA LYS B 282 16.28 6.92 19.02
C LYS B 282 16.21 5.43 18.66
N VAL B 283 15.34 4.69 19.34
CA VAL B 283 15.28 3.24 19.14
C VAL B 283 14.95 2.89 17.69
N MET B 284 13.87 3.47 17.17
CA MET B 284 13.41 3.05 15.84
C MET B 284 14.41 3.41 14.74
N ASP B 285 15.13 4.51 14.88
CA ASP B 285 16.07 4.91 13.84
C ASP B 285 17.32 4.05 13.80
N VAL B 286 17.60 3.26 14.83
CA VAL B 286 18.70 2.30 14.76
C VAL B 286 18.13 0.94 14.36
N VAL B 287 16.90 0.65 14.81
CA VAL B 287 16.24 -0.59 14.45
C VAL B 287 15.94 -0.62 12.95
N LEU B 288 15.67 0.56 12.36
CA LEU B 288 15.42 0.62 10.92
C LEU B 288 16.60 0.09 10.13
N PRO B 289 17.80 0.67 10.22
CA PRO B 289 18.92 0.13 9.43
C PRO B 289 19.16 -1.35 9.69
N PHE B 290 18.87 -1.83 10.91
CA PHE B 290 19.03 -3.25 11.17
C PHE B 290 18.13 -4.09 10.26
N PHE B 291 16.86 -3.70 10.11
CA PHE B 291 15.95 -4.52 9.31
C PHE B 291 16.10 -4.29 7.81
N GLU B 292 16.53 -3.10 7.38
CA GLU B 292 17.01 -2.99 6.00
C GLU B 292 18.21 -3.89 5.78
N SER B 293 18.97 -4.13 6.85
CA SER B 293 20.17 -4.95 6.83
C SER B 293 19.86 -6.39 7.22
N LEU B 294 18.60 -6.81 7.15
CA LEU B 294 18.22 -8.18 7.46
C LEU B 294 17.79 -8.87 6.16
N LYS B 295 18.78 -9.24 5.36
CA LYS B 295 18.60 -10.05 4.15
C LYS B 295 19.18 -11.40 4.55
N LEU B 296 18.30 -12.37 4.76
CA LEU B 296 18.62 -13.63 5.42
C LEU B 296 19.33 -14.64 4.53
N SER B 297 20.15 -15.47 5.17
CA SER B 297 20.77 -16.62 4.54
C SER B 297 19.71 -17.63 4.13
N SER B 298 20.00 -18.39 3.08
CA SER B 298 19.00 -19.23 2.42
C SER B 298 18.50 -20.42 3.22
N THR B 299 19.22 -20.90 4.23
CA THR B 299 18.88 -22.21 4.80
C THR B 299 17.51 -22.22 5.51
N SER B 300 17.16 -21.17 6.24
CA SER B 300 15.97 -21.24 7.08
C SER B 300 14.69 -21.29 6.25
N VAL B 301 13.89 -22.34 6.44
CA VAL B 301 12.64 -22.52 5.74
C VAL B 301 11.47 -22.86 6.65
N THR B 302 11.69 -23.28 7.89
CA THR B 302 10.61 -23.42 8.85
C THR B 302 10.47 -22.07 9.56
N VAL B 303 9.30 -21.82 10.15
CA VAL B 303 9.16 -20.61 10.95
C VAL B 303 10.24 -20.57 12.03
N GLU B 304 10.42 -21.68 12.74
CA GLU B 304 11.38 -21.70 13.84
C GLU B 304 12.81 -21.49 13.34
N ASP B 305 13.13 -22.02 12.15
CA ASP B 305 14.46 -21.76 11.60
C ASP B 305 14.69 -20.26 11.43
N CYS B 306 13.69 -19.55 10.90
CA CYS B 306 13.83 -18.11 10.72
C CYS B 306 13.99 -17.41 12.06
N VAL B 307 13.22 -17.86 13.07
CA VAL B 307 13.46 -17.39 14.42
C VAL B 307 14.88 -17.73 14.86
N LYS B 308 15.26 -19.01 14.68
CA LYS B 308 16.60 -19.46 15.06
C LYS B 308 17.66 -18.58 14.43
N GLU B 309 17.57 -18.36 13.11
CA GLU B 309 18.55 -17.52 12.42
C GLU B 309 18.48 -16.08 12.90
N LEU B 310 17.28 -15.59 13.19
CA LEU B 310 17.12 -14.18 13.52
C LEU B 310 17.70 -13.85 14.89
N THR B 311 17.45 -14.69 15.91
CA THR B 311 17.92 -14.34 17.24
C THR B 311 19.43 -14.11 17.23
N SER B 312 20.15 -14.91 16.45
CA SER B 312 21.60 -14.72 16.32
C SER B 312 21.91 -13.37 15.69
N ILE B 313 21.30 -13.09 14.54
CA ILE B 313 21.57 -11.84 13.83
C ILE B 313 21.12 -10.64 14.65
N VAL B 314 20.10 -10.80 15.48
CA VAL B 314 19.76 -9.73 16.41
C VAL B 314 20.83 -9.61 17.50
N LYS B 315 21.17 -10.74 18.13
CA LYS B 315 22.08 -10.71 19.28
C LYS B 315 23.46 -10.19 18.91
N GLU B 316 24.01 -10.61 17.77
CA GLU B 316 25.37 -10.17 17.43
C GLU B 316 25.35 -8.73 16.94
N LYS B 317 24.40 -8.35 16.09
CA LYS B 317 24.42 -6.99 15.52
C LYS B 317 23.89 -5.97 16.52
N LEU B 318 22.67 -6.18 17.06
CA LEU B 318 22.08 -5.18 17.95
C LEU B 318 22.46 -5.37 19.41
N GLY B 319 22.84 -6.57 19.83
CA GLY B 319 23.08 -6.88 21.22
C GLY B 319 23.92 -5.85 21.95
N PRO B 320 25.11 -5.54 21.43
CA PRO B 320 25.99 -4.59 22.12
C PRO B 320 25.55 -3.13 22.06
N GLN B 321 24.47 -2.80 21.34
CA GLN B 321 24.09 -1.39 21.22
C GLN B 321 23.26 -0.90 22.41
N ASN B 322 22.48 -1.77 23.04
CA ASN B 322 21.67 -1.31 24.17
C ASN B 322 21.14 -2.51 24.94
N ALA B 323 20.96 -2.31 26.25
CA ALA B 323 20.48 -3.39 27.11
C ALA B 323 19.18 -3.97 26.60
N ILE B 324 18.25 -3.11 26.13
CA ILE B 324 16.94 -3.58 25.70
C ILE B 324 17.07 -4.59 24.56
N PHE B 325 18.15 -4.52 23.77
CA PHE B 325 18.26 -5.40 22.61
C PHE B 325 18.74 -6.80 23.02
N ALA B 326 19.88 -6.88 23.72
CA ALA B 326 20.35 -8.16 24.24
C ALA B 326 19.28 -8.81 25.12
N LYS B 327 18.73 -8.03 26.06
CA LYS B 327 17.66 -8.53 26.90
C LYS B 327 16.46 -8.98 26.09
N ALA B 328 16.29 -8.45 24.88
CA ALA B 328 15.20 -8.90 24.01
C ALA B 328 15.56 -10.16 23.24
N ALA B 329 16.81 -10.26 22.75
CA ALA B 329 17.21 -11.48 22.05
C ALA B 329 17.17 -12.68 22.98
N ASP B 330 17.59 -12.50 24.24
CA ASP B 330 17.45 -13.57 25.22
C ASP B 330 15.99 -13.91 25.44
N ALA B 331 15.11 -12.90 25.41
CA ALA B 331 13.68 -13.17 25.55
C ALA B 331 13.13 -13.87 24.32
N MET B 332 13.71 -13.63 23.14
CA MET B 332 13.29 -14.36 21.95
C MET B 332 13.62 -15.85 22.06
N GLU B 333 14.80 -16.19 22.60
CA GLU B 333 15.16 -17.60 22.77
C GLU B 333 14.31 -18.25 23.85
N GLU B 334 14.13 -17.56 24.97
CA GLU B 334 13.25 -18.07 26.01
C GLU B 334 11.83 -18.24 25.50
N TRP B 335 11.37 -17.33 24.63
CA TRP B 335 10.05 -17.51 24.04
C TRP B 335 10.04 -18.68 23.07
N THR B 336 11.13 -18.88 22.34
CA THR B 336 11.21 -20.04 21.45
C THR B 336 11.03 -21.33 22.24
N LYS B 337 11.67 -21.41 23.41
CA LYS B 337 11.44 -22.53 24.31
C LYS B 337 9.97 -22.60 24.70
N LEU B 338 9.42 -21.47 25.17
CA LEU B 338 8.03 -21.44 25.63
C LEU B 338 7.07 -21.91 24.56
N TRP B 339 7.34 -21.64 23.28
CA TRP B 339 6.45 -22.11 22.23
C TRP B 339 6.57 -23.62 22.04
N LYS B 340 7.80 -24.13 21.96
CA LYS B 340 8.01 -25.56 21.90
C LYS B 340 7.42 -26.26 23.12
N SER B 341 7.43 -25.60 24.28
CA SER B 341 7.03 -26.23 25.53
C SER B 341 5.55 -26.12 25.86
N HIS B 342 4.97 -24.93 25.76
CA HIS B 342 3.62 -24.65 26.23
C HIS B 342 2.69 -24.19 25.12
N GLY B 343 3.23 -23.67 24.01
CA GLY B 343 2.42 -23.16 22.93
C GLY B 343 2.12 -24.29 21.96
N ALA B 344 2.95 -25.33 21.95
CA ALA B 344 2.90 -26.34 20.89
C ALA B 344 1.54 -27.05 20.88
N GLN B 345 1.19 -27.57 19.71
CA GLN B 345 -0.14 -28.09 19.43
C GLN B 345 -0.44 -29.35 20.22
N SER B 346 -1.74 -29.54 20.51
CA SER B 346 -2.24 -30.77 21.10
C SER B 346 -3.75 -30.90 20.86
N ALA B 347 -4.56 -29.92 21.30
CA ALA B 347 -5.94 -29.82 20.88
C ALA B 347 -6.00 -29.49 19.39
#